data_3E7M
#
_entry.id   3E7M
#
_cell.length_a   213.848
_cell.length_b   213.848
_cell.length_c   116.645
_cell.angle_alpha   90.000
_cell.angle_beta   90.000
_cell.angle_gamma   120.000
#
_symmetry.space_group_name_H-M   'P 61 2 2'
#
loop_
_entity.id
_entity.type
_entity.pdbx_description
1 polymer 'Nitric oxide synthase, inducible'
2 non-polymer 'ZINC ION'
3 non-polymer 'PROTOPORPHYRIN IX CONTAINING FE'
4 non-polymer 5,6,7,8-TETRAHYDROBIOPTERIN
5 non-polymer 'ETHYL 4-[(4-METHYLPYRIDIN-2-YL)AMINO]PIPERIDINE-1-CARBOXYLATE'
6 non-polymer 1,2-ETHANEDIOL
7 water water
#
_entity_poly.entity_id   1
_entity_poly.type   'polypeptide(L)'
_entity_poly.pdbx_seq_one_letter_code
;LDKLHVTSTRPQYVRIKNWGSGEILHDTLHHKATSDFTCKSKSCLGSIMNPKSLTRGPRDKPTPLEELLPHAIEFINQYY
GSFKEAKIEEHLARLEAVTKEIETTGTYQLTLDELIFATKMAWRNAPRCIGRIQWSNLQVFDARNCSTAQEMFQHICRHI
LYATNNGNIRSAITVFPQRSDGKHDFRLWNSQLIRYAGYQMPDGTIRGDAATLEFTQLCIDLGWKPRYGRFDVLPLVLQA
DGQDPEVFEIPPDLVLEVTMEHPKYEWFQELGLKWYALPAVANMLLEVGGLEFPACPFNGWYMGTEIGVRDFCDTQRYNI
LEEVGRRMGLETHTLASLWKDRAVTEINVAVLHSFQKQNVTIMDHHTASESFMKHMQNEYRARGGCPADWIWLVPPVSGS
ITPVFHQEMLNYVLSPFYYYQIEPWKTHIWQNE
;
_entity_poly.pdbx_strand_id   A,B
#
loop_
_chem_comp.id
_chem_comp.type
_chem_comp.name
_chem_comp.formula
AT2 non-polymer 'ETHYL 4-[(4-METHYLPYRIDIN-2-YL)AMINO]PIPERIDINE-1-CARBOXYLATE' 'C14 H21 N3 O2'
EDO non-polymer 1,2-ETHANEDIOL 'C2 H6 O2'
H4B non-polymer 5,6,7,8-TETRAHYDROBIOPTERIN 'C9 H15 N5 O3'
HEM non-polymer 'PROTOPORPHYRIN IX CONTAINING FE' 'C34 H32 Fe N4 O4'
ZN non-polymer 'ZINC ION' 'Zn 2'
#
# COMPACT_ATOMS: atom_id res chain seq x y z
N GLN A 12 -7.31 8.06 56.21
CA GLN A 12 -8.36 9.11 56.17
C GLN A 12 -8.12 10.06 54.98
N TYR A 13 -6.89 10.54 54.86
CA TYR A 13 -6.54 11.44 53.77
C TYR A 13 -5.04 11.42 53.51
N VAL A 14 -4.65 11.84 52.30
CA VAL A 14 -3.24 11.88 51.94
C VAL A 14 -2.79 13.33 51.99
N ARG A 15 -1.68 13.57 52.68
CA ARG A 15 -1.13 14.90 52.85
C ARG A 15 -0.35 15.31 51.59
N ILE A 16 -0.63 16.52 51.11
CA ILE A 16 0.02 17.05 49.91
C ILE A 16 0.64 18.41 50.22
N LYS A 17 1.87 18.62 49.82
CA LYS A 17 2.56 19.88 50.10
C LYS A 17 3.10 20.64 48.89
N ASN A 18 3.03 21.96 48.98
CA ASN A 18 3.55 22.85 47.94
C ASN A 18 4.87 23.38 48.50
N TRP A 19 5.98 22.98 47.90
CA TRP A 19 7.28 23.39 48.38
C TRP A 19 7.72 24.81 48.10
N GLY A 20 6.81 25.62 47.58
CA GLY A 20 7.12 27.00 47.31
C GLY A 20 6.47 27.89 48.35
N SER A 21 5.19 27.61 48.62
CA SER A 21 4.42 28.38 49.60
C SER A 21 4.33 27.67 50.95
N GLY A 22 4.56 26.36 50.95
CA GLY A 22 4.47 25.61 52.19
C GLY A 22 3.05 25.17 52.49
N GLU A 23 2.10 25.63 51.69
CA GLU A 23 0.68 25.29 51.87
C GLU A 23 0.47 23.77 51.87
N ILE A 24 -0.40 23.31 52.77
CA ILE A 24 -0.70 21.89 52.88
C ILE A 24 -2.13 21.62 52.46
N LEU A 25 -2.34 20.51 51.75
CA LEU A 25 -3.67 20.11 51.31
C LEU A 25 -3.92 18.66 51.69
N HIS A 26 -5.19 18.33 51.94
CA HIS A 26 -5.56 16.96 52.31
C HIS A 26 -6.43 16.36 51.21
N ASP A 27 -5.96 15.26 50.64
CA ASP A 27 -6.70 14.60 49.57
C ASP A 27 -7.53 13.44 50.07
N THR A 28 -8.84 13.52 49.87
CA THR A 28 -9.77 12.48 50.28
C THR A 28 -10.47 11.92 49.05
N LEU A 29 -10.43 12.68 47.95
CA LEU A 29 -11.09 12.27 46.71
C LEU A 29 -10.51 10.98 46.12
N HIS A 30 -9.23 10.72 46.37
CA HIS A 30 -8.59 9.52 45.82
C HIS A 30 -9.26 8.21 46.26
N HIS A 31 -10.02 8.26 47.35
CA HIS A 31 -10.71 7.07 47.85
C HIS A 31 -11.72 6.56 46.82
N LYS A 32 -12.20 7.45 45.96
CA LYS A 32 -13.17 7.08 44.94
C LYS A 32 -12.52 6.57 43.66
N ALA A 33 -11.21 6.32 43.72
CA ALA A 33 -10.49 5.81 42.56
C ALA A 33 -11.02 4.42 42.19
N THR A 34 -10.84 4.04 40.93
CA THR A 34 -11.34 2.76 40.44
C THR A 34 -10.36 1.58 40.55
N SER A 35 -10.37 0.75 39.52
CA SER A 35 -9.53 -0.46 39.44
C SER A 35 -8.04 -0.24 39.70
N ASP A 36 -7.23 -1.23 39.31
CA ASP A 36 -5.79 -1.18 39.51
C ASP A 36 -5.13 -0.11 38.64
N PHE A 37 -4.15 0.57 39.21
CA PHE A 37 -3.42 1.63 38.52
C PHE A 37 -2.10 1.07 37.96
N THR A 38 -0.99 1.76 38.24
CA THR A 38 0.32 1.32 37.77
C THR A 38 1.26 0.99 38.94
N CYS A 44 7.11 1.78 40.73
CA CYS A 44 6.49 3.04 40.25
C CYS A 44 6.70 3.22 38.75
N LEU A 45 5.58 3.26 38.02
CA LEU A 45 5.62 3.43 36.57
C LEU A 45 4.98 4.75 36.18
N GLY A 46 5.26 5.80 36.95
CA GLY A 46 4.69 7.10 36.70
C GLY A 46 5.01 7.78 35.38
N SER A 47 6.20 7.54 34.84
CA SER A 47 6.61 8.16 33.58
C SER A 47 6.27 7.35 32.33
N ILE A 48 5.37 6.38 32.44
CA ILE A 48 4.98 5.59 31.27
C ILE A 48 3.91 6.37 30.50
N MET A 49 4.12 6.51 29.21
CA MET A 49 3.21 7.27 28.35
C MET A 49 1.83 6.63 28.21
N ASN A 50 1.79 5.36 27.80
CA ASN A 50 0.52 4.68 27.62
C ASN A 50 0.38 3.39 28.43
N PRO A 51 0.15 3.52 29.74
CA PRO A 51 -0.02 2.34 30.60
C PRO A 51 -1.41 1.74 30.44
N LYS A 52 -1.54 0.45 30.70
CA LYS A 52 -2.83 -0.23 30.56
C LYS A 52 -3.89 0.37 31.46
N SER A 53 -3.48 0.94 32.58
CA SER A 53 -4.44 1.56 33.50
C SER A 53 -5.14 2.78 32.93
N LEU A 54 -4.56 3.38 31.89
CA LEU A 54 -5.16 4.55 31.26
C LEU A 54 -5.76 4.19 29.91
N THR A 55 -5.80 2.89 29.63
CA THR A 55 -6.32 2.39 28.37
C THR A 55 -7.56 1.51 28.55
N ARG A 56 -8.57 1.73 27.71
CA ARG A 56 -9.78 0.93 27.76
C ARG A 56 -9.91 0.29 26.37
N GLY A 57 -9.58 -1.00 26.30
CA GLY A 57 -9.60 -1.73 25.05
C GLY A 57 -10.94 -2.13 24.44
N PRO A 58 -10.89 -2.91 23.35
CA PRO A 58 -12.07 -3.39 22.61
C PRO A 58 -12.77 -4.57 23.28
N ARG A 59 -13.99 -4.86 22.83
CA ARG A 59 -14.78 -5.98 23.35
C ARG A 59 -15.42 -6.70 22.17
N ASP A 60 -15.90 -7.92 22.38
CA ASP A 60 -16.58 -8.68 21.34
C ASP A 60 -17.92 -9.14 21.90
N LYS A 61 -18.24 -8.68 23.10
CA LYS A 61 -19.49 -9.01 23.77
C LYS A 61 -19.94 -7.82 24.60
N PRO A 62 -21.25 -7.69 24.84
CA PRO A 62 -21.82 -6.60 25.64
C PRO A 62 -21.30 -6.62 27.06
N THR A 63 -21.40 -5.48 27.75
CA THR A 63 -20.95 -5.37 29.13
C THR A 63 -21.86 -6.20 30.02
N PRO A 64 -21.28 -7.09 30.85
CA PRO A 64 -22.08 -7.93 31.75
C PRO A 64 -22.99 -7.06 32.62
N LEU A 65 -24.27 -7.43 32.68
CA LEU A 65 -25.24 -6.68 33.46
C LEU A 65 -24.90 -6.53 34.93
N GLU A 66 -24.25 -7.52 35.52
CA GLU A 66 -23.90 -7.44 36.92
C GLU A 66 -22.84 -6.36 37.13
N GLU A 67 -22.12 -6.02 36.07
CA GLU A 67 -21.11 -4.98 36.16
C GLU A 67 -21.70 -3.63 35.78
N LEU A 68 -22.49 -3.63 34.71
CA LEU A 68 -23.11 -2.41 34.20
C LEU A 68 -24.05 -1.73 35.19
N LEU A 69 -25.01 -2.48 35.73
CA LEU A 69 -25.98 -1.92 36.66
C LEU A 69 -25.37 -1.16 37.84
N PRO A 70 -24.37 -1.74 38.51
CA PRO A 70 -23.77 -1.03 39.65
C PRO A 70 -23.14 0.30 39.24
N HIS A 71 -22.46 0.31 38.10
CA HIS A 71 -21.82 1.53 37.61
C HIS A 71 -22.88 2.56 37.22
N ALA A 72 -23.97 2.09 36.62
CA ALA A 72 -25.05 2.97 36.20
C ALA A 72 -25.66 3.67 37.41
N ILE A 73 -25.97 2.90 38.45
CA ILE A 73 -26.56 3.46 39.67
C ILE A 73 -25.63 4.51 40.26
N GLU A 74 -24.36 4.16 40.36
CA GLU A 74 -23.34 5.06 40.89
C GLU A 74 -23.34 6.40 40.15
N PHE A 75 -23.36 6.33 38.82
CA PHE A 75 -23.36 7.56 38.02
C PHE A 75 -24.62 8.37 38.25
N ILE A 76 -25.78 7.72 38.20
CA ILE A 76 -27.03 8.43 38.40
C ILE A 76 -27.03 9.14 39.76
N ASN A 77 -26.46 8.49 40.77
CA ASN A 77 -26.39 9.09 42.10
C ASN A 77 -25.49 10.33 42.06
N GLN A 78 -24.36 10.22 41.37
CA GLN A 78 -23.44 11.33 41.26
C GLN A 78 -24.11 12.51 40.55
N TYR A 79 -24.83 12.22 39.48
CA TYR A 79 -25.53 13.24 38.72
C TYR A 79 -26.54 14.04 39.55
N TYR A 80 -27.52 13.34 40.11
CA TYR A 80 -28.52 14.01 40.95
C TYR A 80 -27.86 14.58 42.19
N GLY A 81 -26.73 13.99 42.56
CA GLY A 81 -26.02 14.44 43.73
C GLY A 81 -25.19 15.68 43.47
N SER A 82 -25.28 16.23 42.26
CA SER A 82 -24.52 17.43 41.91
C SER A 82 -25.36 18.70 41.95
N PHE A 83 -26.67 18.54 42.05
CA PHE A 83 -27.57 19.70 42.09
C PHE A 83 -27.51 20.40 43.44
N LYS A 84 -27.70 21.73 43.43
CA LYS A 84 -27.67 22.52 44.66
C LYS A 84 -28.89 22.13 45.49
N GLU A 85 -30.06 22.14 44.85
CA GLU A 85 -31.29 21.75 45.51
C GLU A 85 -31.70 20.43 44.88
N ALA A 86 -31.69 19.38 45.70
CA ALA A 86 -32.02 18.03 45.24
C ALA A 86 -33.42 17.85 44.69
N LYS A 87 -33.54 16.88 43.79
CA LYS A 87 -34.81 16.53 43.17
C LYS A 87 -34.96 15.04 43.46
N ILE A 88 -35.19 14.75 44.74
CA ILE A 88 -35.33 13.39 45.23
C ILE A 88 -36.25 12.52 44.38
N GLU A 89 -37.43 13.01 44.05
CA GLU A 89 -38.38 12.24 43.26
C GLU A 89 -37.82 11.80 41.91
N GLU A 90 -37.31 12.74 41.14
CA GLU A 90 -36.74 12.42 39.84
C GLU A 90 -35.57 11.45 40.02
N HIS A 91 -34.79 11.69 41.07
CA HIS A 91 -33.65 10.84 41.37
C HIS A 91 -34.09 9.38 41.41
N LEU A 92 -34.99 9.05 42.33
CA LEU A 92 -35.47 7.68 42.45
C LEU A 92 -36.12 7.21 41.16
N ALA A 93 -36.91 8.08 40.53
CA ALA A 93 -37.59 7.72 39.29
C ALA A 93 -36.57 7.35 38.22
N ARG A 94 -35.48 8.13 38.13
CA ARG A 94 -34.45 7.86 37.15
C ARG A 94 -33.73 6.55 37.46
N LEU A 95 -33.44 6.31 38.73
CA LEU A 95 -32.78 5.07 39.12
C LEU A 95 -33.63 3.88 38.66
N GLU A 96 -34.93 3.97 38.92
CA GLU A 96 -35.86 2.92 38.53
C GLU A 96 -35.89 2.74 37.02
N ALA A 97 -36.02 3.86 36.31
CA ALA A 97 -36.08 3.85 34.86
C ALA A 97 -34.84 3.22 34.23
N VAL A 98 -33.67 3.55 34.76
CA VAL A 98 -32.42 3.02 34.22
C VAL A 98 -32.35 1.51 34.43
N THR A 99 -32.69 1.06 35.64
CA THR A 99 -32.65 -0.36 35.96
C THR A 99 -33.54 -1.14 34.99
N LYS A 100 -34.76 -0.64 34.81
CA LYS A 100 -35.71 -1.29 33.91
C LYS A 100 -35.18 -1.30 32.48
N GLU A 101 -34.56 -0.20 32.07
CA GLU A 101 -34.02 -0.12 30.72
C GLU A 101 -32.90 -1.13 30.55
N ILE A 102 -32.12 -1.34 31.60
CA ILE A 102 -31.02 -2.29 31.55
C ILE A 102 -31.56 -3.72 31.50
N GLU A 103 -32.58 -4.01 32.29
CA GLU A 103 -33.17 -5.36 32.30
C GLU A 103 -33.88 -5.67 30.97
N THR A 104 -34.59 -4.69 30.43
CA THR A 104 -35.33 -4.88 29.18
C THR A 104 -34.52 -4.71 27.90
N THR A 105 -33.42 -3.96 27.94
CA THR A 105 -32.64 -3.75 26.72
C THR A 105 -31.18 -4.20 26.79
N GLY A 106 -30.68 -4.43 28.00
CA GLY A 106 -29.30 -4.86 28.14
C GLY A 106 -28.33 -3.70 28.26
N THR A 107 -28.87 -2.48 28.28
CA THR A 107 -28.06 -1.27 28.41
C THR A 107 -29.02 -0.11 28.65
N TYR A 108 -28.53 1.11 28.51
CA TYR A 108 -29.40 2.27 28.70
C TYR A 108 -28.85 3.51 28.00
N GLN A 109 -29.73 4.48 27.78
CA GLN A 109 -29.35 5.71 27.12
C GLN A 109 -29.32 6.85 28.12
N LEU A 110 -28.23 7.62 28.13
CA LEU A 110 -28.12 8.75 29.02
C LEU A 110 -29.02 9.86 28.51
N THR A 111 -29.51 10.70 29.39
CA THR A 111 -30.33 11.83 28.94
C THR A 111 -29.29 12.82 28.43
N LEU A 112 -29.73 13.83 27.68
CA LEU A 112 -28.79 14.81 27.16
C LEU A 112 -28.07 15.54 28.30
N ASP A 113 -28.82 15.92 29.33
CA ASP A 113 -28.20 16.63 30.46
C ASP A 113 -27.20 15.75 31.20
N GLU A 114 -27.49 14.45 31.29
CA GLU A 114 -26.58 13.53 31.96
C GLU A 114 -25.28 13.44 31.14
N LEU A 115 -25.43 13.39 29.83
CA LEU A 115 -24.27 13.30 28.94
C LEU A 115 -23.39 14.53 29.06
N ILE A 116 -24.02 15.70 29.04
CA ILE A 116 -23.31 16.97 29.17
C ILE A 116 -22.52 16.96 30.48
N PHE A 117 -23.20 16.53 31.55
CA PHE A 117 -22.57 16.45 32.86
C PHE A 117 -21.38 15.48 32.81
N ALA A 118 -21.57 14.35 32.14
CA ALA A 118 -20.53 13.34 32.03
C ALA A 118 -19.29 13.84 31.29
N THR A 119 -19.48 14.56 30.18
CA THR A 119 -18.35 15.05 29.41
C THR A 119 -17.54 16.06 30.20
N LYS A 120 -18.21 16.93 30.96
CA LYS A 120 -17.52 17.93 31.74
C LYS A 120 -16.79 17.28 32.92
N MET A 121 -17.42 16.30 33.56
CA MET A 121 -16.79 15.60 34.67
C MET A 121 -15.58 14.81 34.22
N ALA A 122 -15.66 14.18 33.05
CA ALA A 122 -14.52 13.41 32.54
C ALA A 122 -13.35 14.38 32.32
N TRP A 123 -13.65 15.58 31.81
CA TRP A 123 -12.62 16.59 31.57
C TRP A 123 -12.04 16.98 32.93
N ARG A 124 -12.94 17.28 33.86
CA ARG A 124 -12.57 17.63 35.22
C ARG A 124 -11.69 16.55 35.82
N ASN A 125 -11.92 15.30 35.43
CA ASN A 125 -11.16 14.16 35.93
C ASN A 125 -9.95 13.77 35.09
N ALA A 126 -9.57 14.59 34.12
CA ALA A 126 -8.40 14.28 33.27
C ALA A 126 -7.15 14.76 33.99
N PRO A 127 -6.33 13.83 34.51
CA PRO A 127 -5.09 14.14 35.24
C PRO A 127 -4.00 14.84 34.43
N ARG A 128 -3.98 14.61 33.13
CA ARG A 128 -2.97 15.19 32.28
C ARG A 128 -3.35 16.51 31.63
N CYS A 129 -4.49 17.09 32.01
CA CYS A 129 -4.94 18.35 31.43
C CYS A 129 -4.73 19.57 32.31
N ILE A 130 -3.92 20.51 31.83
CA ILE A 130 -3.61 21.74 32.56
C ILE A 130 -4.67 22.83 32.40
N GLY A 131 -5.59 22.65 31.47
CA GLY A 131 -6.60 23.68 31.25
C GLY A 131 -7.93 23.44 31.91
N ARG A 132 -7.98 22.56 32.90
CA ARG A 132 -9.24 22.22 33.56
C ARG A 132 -10.00 23.30 34.33
N ILE A 133 -9.45 24.51 34.42
CA ILE A 133 -10.19 25.54 35.12
C ILE A 133 -11.41 25.88 34.27
N GLN A 134 -11.34 25.51 32.98
CA GLN A 134 -12.41 25.76 32.02
C GLN A 134 -13.41 24.60 31.93
N TRP A 135 -13.24 23.58 32.77
CA TRP A 135 -14.07 22.39 32.73
C TRP A 135 -15.59 22.52 32.58
N SER A 136 -16.18 23.60 33.11
CA SER A 136 -17.63 23.74 33.00
C SER A 136 -18.07 24.50 31.75
N ASN A 137 -17.10 24.93 30.95
CA ASN A 137 -17.39 25.66 29.73
C ASN A 137 -17.09 24.72 28.56
N LEU A 138 -18.11 23.97 28.14
CA LEU A 138 -17.95 23.00 27.06
C LEU A 138 -19.23 22.81 26.27
N GLN A 139 -19.13 22.95 24.95
CA GLN A 139 -20.27 22.76 24.07
C GLN A 139 -20.35 21.28 23.72
N VAL A 140 -21.52 20.67 23.88
CA VAL A 140 -21.67 19.26 23.58
C VAL A 140 -22.56 19.01 22.37
N PHE A 141 -22.01 18.31 21.38
CA PHE A 141 -22.75 17.96 20.18
C PHE A 141 -23.18 16.50 20.30
N ASP A 142 -24.49 16.29 20.38
CA ASP A 142 -25.05 14.95 20.52
C ASP A 142 -25.23 14.25 19.17
N ALA A 143 -24.30 13.36 18.85
CA ALA A 143 -24.36 12.61 17.59
C ALA A 143 -24.57 11.12 17.86
N ARG A 144 -25.30 10.80 18.93
CA ARG A 144 -25.55 9.40 19.28
C ARG A 144 -26.51 8.70 18.32
N ASN A 145 -27.08 9.47 17.40
CA ASN A 145 -28.01 8.94 16.41
C ASN A 145 -27.32 8.67 15.08
N CYS A 146 -26.03 8.99 15.04
CA CYS A 146 -25.23 8.81 13.83
C CYS A 146 -25.18 7.35 13.36
N SER A 147 -25.17 7.12 12.06
CA SER A 147 -25.15 5.76 11.55
C SER A 147 -24.16 5.47 10.43
N THR A 148 -23.79 6.47 9.65
CA THR A 148 -22.84 6.26 8.55
C THR A 148 -21.58 7.10 8.71
N ALA A 149 -20.54 6.73 7.95
CA ALA A 149 -19.28 7.46 8.00
C ALA A 149 -19.50 8.87 7.46
N GLN A 150 -20.28 8.98 6.38
CA GLN A 150 -20.56 10.28 5.78
C GLN A 150 -21.18 11.21 6.82
N GLU A 151 -22.09 10.67 7.63
CA GLU A 151 -22.73 11.46 8.67
C GLU A 151 -21.70 11.84 9.74
N MET A 152 -20.75 10.95 10.01
CA MET A 152 -19.70 11.23 10.99
C MET A 152 -18.92 12.44 10.51
N PHE A 153 -18.53 12.39 9.24
CA PHE A 153 -17.79 13.46 8.60
C PHE A 153 -18.52 14.79 8.73
N GLN A 154 -19.83 14.77 8.49
CA GLN A 154 -20.62 16.00 8.59
C GLN A 154 -20.61 16.56 10.02
N HIS A 155 -20.77 15.68 11.01
CA HIS A 155 -20.76 16.11 12.40
C HIS A 155 -19.41 16.70 12.77
N ILE A 156 -18.34 16.06 12.30
CA ILE A 156 -16.99 16.52 12.58
C ILE A 156 -16.73 17.87 11.92
N CYS A 157 -17.24 18.07 10.71
CA CYS A 157 -17.06 19.37 10.04
C CYS A 157 -17.78 20.45 10.82
N ARG A 158 -18.97 20.13 11.34
CA ARG A 158 -19.75 21.08 12.12
C ARG A 158 -18.98 21.46 13.39
N HIS A 159 -18.37 20.45 14.01
CA HIS A 159 -17.59 20.63 15.22
C HIS A 159 -16.39 21.56 14.95
N ILE A 160 -15.64 21.25 13.90
CA ILE A 160 -14.48 22.05 13.55
C ILE A 160 -14.87 23.51 13.33
N LEU A 161 -15.95 23.72 12.57
CA LEU A 161 -16.42 25.08 12.29
C LEU A 161 -16.83 25.82 13.57
N TYR A 162 -17.61 25.16 14.42
CA TYR A 162 -18.05 25.77 15.68
C TYR A 162 -16.87 26.13 16.58
N ALA A 163 -15.96 25.18 16.76
CA ALA A 163 -14.80 25.37 17.64
C ALA A 163 -13.82 26.44 17.16
N THR A 164 -13.55 26.46 15.86
CA THR A 164 -12.63 27.42 15.28
C THR A 164 -13.15 28.84 15.44
N ASN A 165 -14.44 29.01 15.18
CA ASN A 165 -15.11 30.29 15.34
C ASN A 165 -14.29 31.50 14.88
N ASN A 166 -13.73 31.41 13.69
CA ASN A 166 -12.95 32.50 13.09
C ASN A 166 -11.79 32.98 13.97
N GLY A 167 -11.23 32.07 14.78
CA GLY A 167 -10.12 32.44 15.64
C GLY A 167 -10.45 32.51 17.12
N ASN A 168 -11.70 32.80 17.45
CA ASN A 168 -12.12 32.88 18.85
C ASN A 168 -12.50 31.44 19.25
N ILE A 169 -11.48 30.62 19.45
CA ILE A 169 -11.63 29.21 19.78
C ILE A 169 -12.60 28.89 20.93
N ARG A 170 -13.47 27.92 20.67
CA ARG A 170 -14.46 27.48 21.65
C ARG A 170 -14.29 25.98 21.89
N SER A 171 -14.32 25.57 23.15
CA SER A 171 -14.17 24.17 23.53
C SER A 171 -15.45 23.39 23.19
N ALA A 172 -15.29 22.21 22.60
CA ALA A 172 -16.44 21.41 22.25
C ALA A 172 -16.10 19.93 22.17
N ILE A 173 -17.15 19.11 22.22
CA ILE A 173 -16.98 17.67 22.12
C ILE A 173 -18.17 17.11 21.34
N THR A 174 -17.91 16.15 20.46
CA THR A 174 -18.98 15.54 19.69
C THR A 174 -19.05 14.08 20.15
N VAL A 175 -20.19 13.68 20.67
CA VAL A 175 -20.38 12.32 21.17
C VAL A 175 -21.10 11.42 20.17
N PHE A 176 -20.40 10.42 19.68
CA PHE A 176 -20.98 9.48 18.73
C PHE A 176 -21.63 8.31 19.50
N PRO A 177 -22.32 7.40 18.80
CA PRO A 177 -22.98 6.26 19.45
C PRO A 177 -22.10 5.44 20.40
N GLN A 178 -22.65 5.11 21.56
CA GLN A 178 -21.94 4.33 22.56
C GLN A 178 -21.71 2.91 22.04
N ARG A 179 -20.72 2.24 22.61
CA ARG A 179 -20.40 0.88 22.22
C ARG A 179 -21.55 -0.05 22.61
N SER A 180 -21.93 -0.94 21.69
CA SER A 180 -23.02 -1.88 21.95
C SER A 180 -22.44 -3.23 22.34
N ASP A 181 -22.03 -4.03 21.35
CA ASP A 181 -21.46 -5.34 21.62
C ASP A 181 -19.95 -5.32 21.37
N GLY A 182 -19.45 -4.17 20.92
CA GLY A 182 -18.03 -4.06 20.66
C GLY A 182 -17.66 -4.40 19.23
N LYS A 183 -18.65 -4.84 18.46
CA LYS A 183 -18.43 -5.20 17.06
C LYS A 183 -18.94 -4.11 16.14
N HIS A 184 -19.59 -3.09 16.71
CA HIS A 184 -20.13 -1.98 15.92
C HIS A 184 -19.62 -0.63 16.43
N ASP A 185 -18.33 -0.58 16.79
CA ASP A 185 -17.73 0.64 17.32
C ASP A 185 -17.56 1.77 16.31
N PHE A 186 -17.82 2.99 16.75
CA PHE A 186 -17.59 4.16 15.93
C PHE A 186 -16.18 4.55 16.39
N ARG A 187 -15.28 4.82 15.46
CA ARG A 187 -13.92 5.19 15.80
C ARG A 187 -13.30 6.15 14.79
N LEU A 188 -12.56 7.14 15.29
CA LEU A 188 -11.83 8.04 14.40
C LEU A 188 -10.43 7.48 14.49
N TRP A 189 -9.87 7.07 13.35
CA TRP A 189 -8.54 6.48 13.34
C TRP A 189 -7.42 7.51 13.57
N ASN A 190 -7.71 8.78 13.27
CA ASN A 190 -6.75 9.86 13.46
C ASN A 190 -6.52 10.09 14.97
N SER A 191 -5.34 10.57 15.33
CA SER A 191 -5.04 10.87 16.72
C SER A 191 -5.63 12.23 17.06
N GLN A 192 -5.64 13.12 16.07
CA GLN A 192 -6.17 14.46 16.21
C GLN A 192 -7.05 14.80 14.99
N LEU A 193 -7.98 15.73 15.16
CA LEU A 193 -8.83 16.11 14.03
C LEU A 193 -8.00 16.77 12.94
N ILE A 194 -7.08 17.66 13.33
CA ILE A 194 -6.22 18.37 12.39
C ILE A 194 -4.78 17.97 12.69
N ARG A 195 -4.07 17.51 11.66
CA ARG A 195 -2.68 17.07 11.81
C ARG A 195 -2.05 17.08 10.42
N TYR A 196 -0.74 17.36 10.35
CA TYR A 196 -0.05 17.40 9.07
C TYR A 196 0.56 16.07 8.69
N ALA A 197 0.64 15.83 7.38
CA ALA A 197 1.20 14.59 6.84
C ALA A 197 2.72 14.59 6.88
N GLY A 198 3.28 13.39 6.78
CA GLY A 198 4.73 13.21 6.76
C GLY A 198 5.06 12.29 5.59
N TYR A 199 6.06 12.67 4.81
CA TYR A 199 6.44 11.86 3.65
C TYR A 199 7.91 11.48 3.60
N GLN A 200 8.16 10.24 3.19
CA GLN A 200 9.52 9.74 3.02
C GLN A 200 9.81 10.05 1.55
N MET A 201 10.62 11.09 1.30
CA MET A 201 10.93 11.49 -0.07
C MET A 201 11.93 10.56 -0.76
N PRO A 202 12.01 10.65 -2.11
CA PRO A 202 12.92 9.83 -2.90
C PRO A 202 14.40 9.99 -2.52
N ASP A 203 14.82 11.22 -2.22
CA ASP A 203 16.21 11.45 -1.84
C ASP A 203 16.52 11.01 -0.41
N GLY A 204 15.57 10.32 0.21
CA GLY A 204 15.76 9.84 1.57
C GLY A 204 15.42 10.80 2.69
N THR A 205 15.16 12.06 2.38
CA THR A 205 14.83 13.02 3.42
C THR A 205 13.34 12.92 3.78
N ILE A 206 13.00 13.41 4.97
CA ILE A 206 11.61 13.39 5.43
C ILE A 206 11.03 14.77 5.25
N ARG A 207 9.81 14.83 4.71
CA ARG A 207 9.15 16.09 4.49
C ARG A 207 7.85 16.14 5.30
N GLY A 208 7.61 17.25 5.98
CA GLY A 208 6.41 17.38 6.77
C GLY A 208 6.62 16.90 8.20
N ASP A 209 5.59 16.35 8.81
CA ASP A 209 5.66 15.86 10.19
C ASP A 209 6.15 14.41 10.24
N ALA A 210 7.42 14.22 10.60
CA ALA A 210 7.99 12.88 10.66
C ALA A 210 7.23 11.88 11.53
N ALA A 211 6.50 12.38 12.53
CA ALA A 211 5.76 11.49 13.42
C ALA A 211 4.51 10.88 12.80
N THR A 212 4.08 11.38 11.63
CA THR A 212 2.89 10.82 11.01
C THR A 212 3.20 10.04 9.73
N LEU A 213 4.45 9.61 9.57
CA LEU A 213 4.84 8.85 8.38
C LEU A 213 3.96 7.62 8.12
N GLU A 214 3.75 6.82 9.17
CA GLU A 214 2.95 5.60 9.04
C GLU A 214 1.48 5.86 8.75
N PHE A 215 0.86 6.76 9.50
CA PHE A 215 -0.54 7.07 9.30
C PHE A 215 -0.76 7.70 7.93
N THR A 216 0.21 8.48 7.47
CA THR A 216 0.11 9.11 6.16
C THR A 216 0.06 8.03 5.09
N GLN A 217 0.92 7.03 5.25
CA GLN A 217 0.98 5.93 4.30
C GLN A 217 -0.36 5.19 4.30
N LEU A 218 -0.96 5.04 5.48
CA LEU A 218 -2.24 4.37 5.59
C LEU A 218 -3.29 5.13 4.78
N CYS A 219 -3.30 6.45 4.91
CA CYS A 219 -4.25 7.29 4.18
C CYS A 219 -4.03 7.10 2.67
N ILE A 220 -2.77 7.07 2.26
CA ILE A 220 -2.43 6.89 0.86
C ILE A 220 -2.93 5.52 0.39
N ASP A 221 -2.75 4.51 1.24
CA ASP A 221 -3.19 3.16 0.91
C ASP A 221 -4.70 3.11 0.72
N LEU A 222 -5.41 3.97 1.44
CA LEU A 222 -6.87 3.99 1.37
C LEU A 222 -7.42 4.89 0.26
N GLY A 223 -6.55 5.42 -0.59
CA GLY A 223 -7.02 6.25 -1.69
C GLY A 223 -6.72 7.73 -1.63
N TRP A 224 -6.27 8.22 -0.49
CA TRP A 224 -5.96 9.64 -0.36
C TRP A 224 -4.78 10.01 -1.25
N LYS A 225 -4.87 11.16 -1.89
CA LYS A 225 -3.80 11.62 -2.77
C LYS A 225 -2.78 12.49 -2.04
N PRO A 226 -1.51 12.03 -1.98
CA PRO A 226 -0.43 12.75 -1.31
C PRO A 226 -0.03 13.99 -2.12
N ARG A 227 0.23 15.09 -1.42
CA ARG A 227 0.61 16.34 -2.07
C ARG A 227 2.08 16.68 -1.87
N TYR A 228 2.74 15.89 -1.03
CA TYR A 228 4.15 16.07 -0.75
C TYR A 228 4.55 17.45 -0.27
N GLY A 229 3.72 18.05 0.58
CA GLY A 229 4.02 19.36 1.11
C GLY A 229 4.56 19.23 2.54
N ARG A 230 4.98 20.36 3.10
CA ARG A 230 5.53 20.41 4.45
C ARG A 230 4.38 20.47 5.46
N PHE A 231 3.26 21.05 5.04
CA PHE A 231 2.10 21.21 5.91
C PHE A 231 0.79 20.77 5.25
N ASP A 232 0.71 19.52 4.82
CA ASP A 232 -0.51 19.00 4.20
C ASP A 232 -1.43 18.43 5.28
N VAL A 233 -2.62 18.99 5.40
CA VAL A 233 -3.59 18.51 6.38
C VAL A 233 -4.05 17.11 6.01
N LEU A 234 -3.94 16.19 6.97
CA LEU A 234 -4.34 14.80 6.74
C LEU A 234 -5.86 14.66 6.68
N PRO A 235 -6.34 13.64 5.97
CA PRO A 235 -7.79 13.41 5.85
C PRO A 235 -8.30 12.66 7.06
N LEU A 236 -9.60 12.71 7.28
CA LEU A 236 -10.21 11.98 8.38
C LEU A 236 -10.40 10.54 7.94
N VAL A 237 -10.05 9.61 8.82
CA VAL A 237 -10.20 8.18 8.56
C VAL A 237 -11.26 7.76 9.55
N LEU A 238 -12.50 7.65 9.04
CA LEU A 238 -13.64 7.34 9.89
C LEU A 238 -14.22 5.95 9.80
N GLN A 239 -14.38 5.33 10.96
CA GLN A 239 -14.95 4.01 11.11
C GLN A 239 -16.32 4.17 11.75
N ALA A 240 -17.35 3.72 11.05
CA ALA A 240 -18.70 3.82 11.58
C ALA A 240 -19.36 2.45 11.68
N ASP A 241 -20.08 2.24 12.79
CA ASP A 241 -20.79 1.00 13.04
C ASP A 241 -19.94 -0.25 12.85
N GLY A 242 -18.65 -0.15 13.18
CA GLY A 242 -17.76 -1.29 13.07
C GLY A 242 -17.27 -1.62 11.67
N GLN A 243 -17.76 -0.87 10.67
CA GLN A 243 -17.35 -1.12 9.29
C GLN A 243 -15.97 -0.57 8.97
N ASP A 244 -15.43 -0.96 7.83
CA ASP A 244 -14.10 -0.51 7.41
C ASP A 244 -14.05 1.02 7.36
N PRO A 245 -12.90 1.60 7.72
CA PRO A 245 -12.74 3.06 7.72
C PRO A 245 -12.77 3.68 6.32
N GLU A 246 -13.42 4.82 6.22
CA GLU A 246 -13.52 5.56 4.97
C GLU A 246 -12.74 6.86 5.11
N VAL A 247 -12.16 7.33 4.00
CA VAL A 247 -11.36 8.55 4.00
C VAL A 247 -12.14 9.78 3.52
N PHE A 248 -11.98 10.89 4.25
CA PHE A 248 -12.65 12.14 3.91
C PHE A 248 -11.70 13.32 4.06
N GLU A 249 -11.46 14.05 2.97
CA GLU A 249 -10.58 15.20 3.07
C GLU A 249 -11.33 16.30 3.82
N ILE A 250 -10.62 17.02 4.67
CA ILE A 250 -11.25 18.10 5.42
C ILE A 250 -11.30 19.32 4.51
N PRO A 251 -12.49 19.92 4.35
CA PRO A 251 -12.58 21.11 3.49
C PRO A 251 -11.62 22.18 3.99
N PRO A 252 -10.64 22.56 3.15
CA PRO A 252 -9.64 23.58 3.49
C PRO A 252 -10.21 24.85 4.10
N ASP A 253 -11.42 25.23 3.71
CA ASP A 253 -12.05 26.45 4.25
C ASP A 253 -12.28 26.33 5.75
N LEU A 254 -12.35 25.10 6.25
CA LEU A 254 -12.58 24.87 7.68
C LEU A 254 -11.31 24.82 8.52
N VAL A 255 -10.15 24.83 7.87
CA VAL A 255 -8.89 24.77 8.59
C VAL A 255 -8.19 26.10 8.73
N LEU A 256 -8.28 26.69 9.92
CA LEU A 256 -7.64 27.96 10.18
C LEU A 256 -6.18 27.69 10.57
N GLU A 257 -5.26 28.43 9.96
CA GLU A 257 -3.85 28.28 10.25
C GLU A 257 -3.22 29.63 10.58
N VAL A 258 -2.13 29.59 11.34
CA VAL A 258 -1.42 30.80 11.73
C VAL A 258 -0.01 30.76 11.12
N THR A 259 0.35 31.78 10.36
CA THR A 259 1.67 31.83 9.77
C THR A 259 2.61 32.38 10.84
N MET A 260 3.76 31.75 11.00
CA MET A 260 4.73 32.15 12.02
C MET A 260 5.65 33.31 11.68
N GLU A 261 5.61 34.33 12.54
CA GLU A 261 6.43 35.52 12.40
C GLU A 261 7.01 35.85 13.78
N HIS A 262 8.17 36.50 13.79
CA HIS A 262 8.81 36.91 15.04
C HIS A 262 8.69 38.42 15.13
N PRO A 263 8.37 38.96 16.31
CA PRO A 263 8.24 40.42 16.46
C PRO A 263 9.51 41.23 16.18
N LYS A 264 10.67 40.58 16.19
CA LYS A 264 11.92 41.29 15.93
C LYS A 264 12.73 40.72 14.77
N TYR A 265 12.82 39.40 14.70
CA TYR A 265 13.57 38.74 13.64
C TYR A 265 12.76 38.65 12.35
N GLU A 266 13.06 39.51 11.39
CA GLU A 266 12.37 39.53 10.10
C GLU A 266 12.58 38.22 9.37
N TRP A 267 13.74 37.62 9.58
CA TRP A 267 14.07 36.36 8.93
C TRP A 267 13.26 35.17 9.42
N PHE A 268 12.53 35.33 10.52
CA PHE A 268 11.76 34.20 11.01
C PHE A 268 10.68 33.75 10.02
N GLN A 269 10.00 34.69 9.38
CA GLN A 269 8.97 34.28 8.43
C GLN A 269 9.60 33.56 7.24
N GLU A 270 10.90 33.76 7.04
CA GLU A 270 11.61 33.11 5.94
C GLU A 270 11.64 31.60 6.13
N LEU A 271 11.45 31.16 7.38
CA LEU A 271 11.44 29.74 7.69
C LEU A 271 10.21 29.09 7.08
N GLY A 272 9.25 29.93 6.69
CA GLY A 272 8.01 29.43 6.09
C GLY A 272 7.20 28.51 6.98
N LEU A 273 7.16 28.80 8.28
CA LEU A 273 6.43 27.95 9.20
C LEU A 273 5.01 28.43 9.46
N LYS A 274 4.14 27.48 9.80
CA LYS A 274 2.75 27.76 10.13
C LYS A 274 2.23 26.58 10.92
N TRP A 275 1.07 26.74 11.54
CA TRP A 275 0.47 25.64 12.30
C TRP A 275 -1.03 25.85 12.37
N TYR A 276 -1.77 24.79 12.64
CA TYR A 276 -3.21 24.92 12.72
C TYR A 276 -3.62 25.51 14.06
N ALA A 277 -4.75 26.21 14.06
CA ALA A 277 -5.26 26.85 15.25
C ALA A 277 -6.04 25.94 16.19
N LEU A 278 -6.57 24.83 15.66
CA LEU A 278 -7.40 23.93 16.44
C LEU A 278 -6.76 22.65 16.99
N PRO A 279 -6.59 22.57 18.32
CA PRO A 279 -6.00 21.38 18.93
C PRO A 279 -7.15 20.45 19.32
N ALA A 280 -7.30 19.33 18.64
CA ALA A 280 -8.40 18.43 18.94
C ALA A 280 -8.01 16.97 19.02
N VAL A 281 -8.25 16.37 20.19
CA VAL A 281 -7.95 14.96 20.43
C VAL A 281 -9.06 14.16 19.79
N ALA A 282 -8.73 13.27 18.87
CA ALA A 282 -9.76 12.53 18.16
C ALA A 282 -9.98 11.06 18.48
N ASN A 283 -9.00 10.42 19.13
CA ASN A 283 -9.10 8.99 19.38
C ASN A 283 -9.31 8.45 20.79
N MET A 284 -9.82 9.27 21.71
CA MET A 284 -10.02 8.75 23.06
C MET A 284 -11.43 8.21 23.32
N LEU A 285 -11.58 7.48 24.42
CA LEU A 285 -12.86 6.87 24.77
C LEU A 285 -13.41 7.45 26.07
N LEU A 286 -14.68 7.86 26.04
CA LEU A 286 -15.36 8.40 27.21
C LEU A 286 -16.06 7.27 27.95
N GLU A 287 -15.73 7.11 29.23
CA GLU A 287 -16.34 6.09 30.06
C GLU A 287 -17.24 6.80 31.07
N VAL A 288 -18.48 6.34 31.17
CA VAL A 288 -19.43 6.95 32.08
C VAL A 288 -20.55 6.00 32.48
N GLY A 289 -20.76 5.87 33.79
CA GLY A 289 -21.80 5.00 34.31
C GLY A 289 -21.88 3.62 33.68
N GLY A 290 -20.72 3.05 33.36
CA GLY A 290 -20.70 1.73 32.78
C GLY A 290 -20.73 1.72 31.26
N LEU A 291 -21.03 2.86 30.66
CA LEU A 291 -21.08 2.96 29.21
C LEU A 291 -19.73 3.38 28.64
N GLU A 292 -19.51 3.07 27.37
CA GLU A 292 -18.27 3.40 26.70
C GLU A 292 -18.54 4.05 25.35
N PHE A 293 -17.96 5.23 25.12
CA PHE A 293 -18.11 5.94 23.86
C PHE A 293 -16.75 5.98 23.18
N PRO A 294 -16.48 5.04 22.26
CA PRO A 294 -15.23 4.92 21.51
C PRO A 294 -14.91 6.06 20.56
N ALA A 295 -15.91 6.88 20.26
CA ALA A 295 -15.72 8.01 19.36
C ALA A 295 -16.31 9.27 19.98
N CYS A 296 -15.43 10.16 20.44
CA CYS A 296 -15.85 11.39 21.09
C CYS A 296 -14.75 12.45 20.97
N PRO A 297 -14.51 12.97 19.76
CA PRO A 297 -13.46 13.98 19.61
C PRO A 297 -13.79 15.26 20.39
N PHE A 298 -12.76 15.86 20.99
CA PHE A 298 -12.94 17.09 21.74
C PHE A 298 -11.78 18.04 21.52
N ASN A 299 -12.00 19.32 21.79
CA ASN A 299 -10.96 20.31 21.61
C ASN A 299 -11.05 21.42 22.64
N GLY A 300 -9.92 22.10 22.82
CA GLY A 300 -9.84 23.25 23.71
C GLY A 300 -9.09 24.22 22.80
N TRP A 301 -8.21 25.04 23.38
CA TRP A 301 -7.38 25.93 22.58
C TRP A 301 -5.94 25.60 22.96
N TYR A 302 -5.00 26.01 22.13
CA TYR A 302 -3.59 25.71 22.35
C TYR A 302 -2.86 26.41 23.50
N MET A 303 -1.86 25.73 24.05
CA MET A 303 -0.98 26.33 25.03
C MET A 303 0.24 26.49 24.13
N GLY A 304 0.83 27.69 24.13
CA GLY A 304 1.97 27.97 23.25
C GLY A 304 3.08 26.95 23.10
N THR A 305 3.49 26.34 24.21
CA THR A 305 4.59 25.38 24.19
C THR A 305 4.35 24.11 23.37
N GLU A 306 3.09 23.73 23.20
CA GLU A 306 2.79 22.53 22.42
C GLU A 306 3.35 22.69 21.00
N ILE A 307 3.17 23.87 20.43
CA ILE A 307 3.66 24.14 19.08
C ILE A 307 5.11 24.59 19.11
N GLY A 308 5.38 25.65 19.87
CA GLY A 308 6.72 26.18 19.95
C GLY A 308 7.79 25.23 20.42
N VAL A 309 7.46 24.36 21.36
CA VAL A 309 8.46 23.42 21.87
C VAL A 309 8.37 22.01 21.33
N ARG A 310 7.19 21.39 21.44
CA ARG A 310 7.07 20.01 20.98
C ARG A 310 7.01 19.87 19.45
N ASP A 311 6.05 20.52 18.80
CA ASP A 311 5.93 20.41 17.34
C ASP A 311 7.17 20.90 16.60
N PHE A 312 7.63 22.10 16.94
CA PHE A 312 8.80 22.68 16.28
C PHE A 312 10.18 22.25 16.79
N CYS A 313 10.31 21.92 18.07
CA CYS A 313 11.64 21.57 18.56
C CYS A 313 11.95 20.10 18.86
N ASP A 314 10.93 19.26 18.96
CA ASP A 314 11.20 17.83 19.18
C ASP A 314 12.05 17.40 17.99
N THR A 315 13.07 16.59 18.22
CA THR A 315 13.94 16.14 17.14
C THR A 315 13.22 15.24 16.13
N GLN A 316 12.23 14.49 16.60
CA GLN A 316 11.50 13.58 15.71
C GLN A 316 10.27 14.23 15.09
N ARG A 317 10.18 15.55 15.21
CA ARG A 317 9.07 16.30 14.64
C ARG A 317 9.64 17.25 13.58
N TYR A 318 9.30 18.55 13.64
CA TYR A 318 9.84 19.46 12.64
C TYR A 318 11.31 19.85 12.87
N ASN A 319 11.78 19.61 14.10
CA ASN A 319 13.18 19.84 14.44
C ASN A 319 13.85 21.09 13.85
N ILE A 320 13.34 22.27 14.17
CA ILE A 320 13.91 23.52 13.65
C ILE A 320 14.93 24.20 14.56
N LEU A 321 15.16 23.61 15.73
CA LEU A 321 16.07 24.22 16.71
C LEU A 321 17.43 24.71 16.20
N GLU A 322 18.21 23.83 15.58
CA GLU A 322 19.52 24.23 15.07
C GLU A 322 19.45 25.37 14.05
N GLU A 323 18.49 25.29 13.13
CA GLU A 323 18.36 26.32 12.11
C GLU A 323 18.10 27.69 12.73
N VAL A 324 17.26 27.72 13.76
CA VAL A 324 16.95 28.97 14.43
C VAL A 324 18.18 29.46 15.19
N GLY A 325 18.95 28.52 15.73
CA GLY A 325 20.15 28.88 16.44
C GLY A 325 21.15 29.59 15.54
N ARG A 326 21.36 29.04 14.34
CA ARG A 326 22.29 29.64 13.39
C ARG A 326 21.85 31.05 13.01
N ARG A 327 20.57 31.18 12.64
CA ARG A 327 20.01 32.46 12.26
C ARG A 327 20.19 33.51 13.34
N MET A 328 20.24 33.06 14.59
CA MET A 328 20.43 33.98 15.71
C MET A 328 21.90 34.25 15.97
N GLY A 329 22.76 33.56 15.21
CA GLY A 329 24.20 33.74 15.35
C GLY A 329 24.77 33.16 16.64
N LEU A 330 24.13 32.13 17.17
CA LEU A 330 24.57 31.50 18.42
C LEU A 330 25.64 30.43 18.19
N GLU A 331 26.29 30.03 19.28
CA GLU A 331 27.34 29.01 19.22
C GLU A 331 26.69 27.63 19.28
N THR A 332 26.05 27.26 18.17
CA THR A 332 25.33 26.00 18.05
C THR A 332 26.21 24.75 18.11
N HIS A 333 27.52 24.94 18.26
CA HIS A 333 28.44 23.81 18.33
C HIS A 333 28.98 23.66 19.75
N THR A 334 28.43 24.44 20.68
CA THR A 334 28.87 24.41 22.07
C THR A 334 27.64 24.34 22.98
N LEU A 335 27.29 23.13 23.41
CA LEU A 335 26.13 22.93 24.28
C LEU A 335 26.10 23.85 25.49
N ALA A 336 27.25 24.01 26.14
CA ALA A 336 27.35 24.84 27.34
C ALA A 336 26.99 26.31 27.13
N SER A 337 26.92 26.75 25.88
CA SER A 337 26.57 28.15 25.60
C SER A 337 25.09 28.38 25.86
N LEU A 338 24.36 27.29 26.02
CA LEU A 338 22.92 27.35 26.26
C LEU A 338 22.18 27.93 25.05
N TRP A 339 22.74 27.77 23.86
CA TRP A 339 22.10 28.29 22.67
C TRP A 339 20.71 27.70 22.47
N LYS A 340 20.54 26.44 22.86
CA LYS A 340 19.24 25.80 22.71
C LYS A 340 18.17 26.50 23.56
N ASP A 341 18.56 26.94 24.75
CA ASP A 341 17.62 27.65 25.64
C ASP A 341 17.23 28.98 25.00
N ARG A 342 18.20 29.66 24.42
CA ARG A 342 17.91 30.95 23.79
C ARG A 342 17.01 30.80 22.57
N ALA A 343 17.28 29.79 21.74
CA ALA A 343 16.49 29.56 20.54
C ALA A 343 15.06 29.15 20.82
N VAL A 344 14.87 28.15 21.68
CA VAL A 344 13.52 27.69 21.97
C VAL A 344 12.65 28.82 22.50
N THR A 345 13.22 29.73 23.27
CA THR A 345 12.43 30.83 23.80
C THR A 345 11.98 31.79 22.70
N GLU A 346 12.85 32.06 21.74
CA GLU A 346 12.47 32.96 20.65
C GLU A 346 11.39 32.31 19.79
N ILE A 347 11.42 30.97 19.69
CA ILE A 347 10.43 30.26 18.91
C ILE A 347 9.10 30.36 19.67
N ASN A 348 9.13 30.18 20.99
CA ASN A 348 7.89 30.29 21.77
C ASN A 348 7.31 31.70 21.60
N VAL A 349 8.18 32.70 21.55
CA VAL A 349 7.76 34.07 21.39
C VAL A 349 7.09 34.26 20.02
N ALA A 350 7.67 33.65 18.99
CA ALA A 350 7.11 33.75 17.64
C ALA A 350 5.69 33.17 17.61
N VAL A 351 5.53 32.00 18.20
CA VAL A 351 4.22 31.33 18.24
C VAL A 351 3.16 32.20 18.91
N LEU A 352 3.44 32.67 20.12
CA LEU A 352 2.48 33.51 20.84
C LEU A 352 2.22 34.81 20.07
N HIS A 353 3.27 35.45 19.58
CA HIS A 353 3.14 36.68 18.82
C HIS A 353 2.26 36.51 17.59
N SER A 354 2.50 35.45 16.84
CA SER A 354 1.74 35.19 15.63
C SER A 354 0.26 34.90 15.87
N PHE A 355 -0.04 34.07 16.86
CA PHE A 355 -1.43 33.76 17.18
C PHE A 355 -2.13 35.04 17.62
N GLN A 356 -1.47 35.81 18.47
CA GLN A 356 -2.03 37.06 18.96
C GLN A 356 -2.30 38.05 17.82
N LYS A 357 -1.30 38.26 16.97
CA LYS A 357 -1.43 39.17 15.85
C LYS A 357 -2.55 38.78 14.89
N GLN A 358 -2.76 37.48 14.74
CA GLN A 358 -3.81 36.99 13.84
C GLN A 358 -5.12 36.72 14.55
N ASN A 359 -5.21 37.24 15.78
CA ASN A 359 -6.41 37.12 16.61
C ASN A 359 -6.93 35.69 16.81
N VAL A 360 -6.01 34.78 17.10
CA VAL A 360 -6.37 33.39 17.34
C VAL A 360 -6.06 33.05 18.79
N THR A 361 -7.04 32.52 19.50
CA THR A 361 -6.85 32.17 20.91
C THR A 361 -5.67 31.25 21.17
N ILE A 362 -4.93 31.57 22.23
CA ILE A 362 -3.80 30.77 22.66
C ILE A 362 -3.40 31.27 24.06
N MET A 363 -2.82 30.41 24.88
CA MET A 363 -2.39 30.82 26.22
C MET A 363 -0.95 30.39 26.46
N ASP A 364 -0.14 31.30 27.01
CA ASP A 364 1.25 30.97 27.29
C ASP A 364 1.29 30.00 28.46
N HIS A 365 2.39 29.27 28.61
CA HIS A 365 2.50 28.28 29.68
C HIS A 365 2.55 28.82 31.12
N HIS A 366 3.00 30.06 31.29
CA HIS A 366 3.06 30.63 32.64
C HIS A 366 1.65 30.90 33.12
N THR A 367 0.88 31.60 32.29
CA THR A 367 -0.50 31.92 32.63
C THR A 367 -1.30 30.63 32.83
N ALA A 368 -1.05 29.63 31.97
CA ALA A 368 -1.77 28.37 32.09
C ALA A 368 -1.45 27.71 33.43
N SER A 369 -0.18 27.68 33.80
CA SER A 369 0.23 27.08 35.07
C SER A 369 -0.47 27.72 36.26
N GLU A 370 -0.46 29.05 36.32
CA GLU A 370 -1.10 29.76 37.42
C GLU A 370 -2.59 29.45 37.38
N SER A 371 -3.13 29.35 36.16
CA SER A 371 -4.53 29.03 35.97
C SER A 371 -4.85 27.67 36.60
N PHE A 372 -4.00 26.68 36.34
CA PHE A 372 -4.24 25.36 36.91
C PHE A 372 -4.11 25.36 38.43
N MET A 373 -3.17 26.14 38.97
CA MET A 373 -3.00 26.19 40.43
C MET A 373 -4.28 26.68 41.08
N LYS A 374 -4.89 27.70 40.51
CA LYS A 374 -6.14 28.24 41.04
C LYS A 374 -7.21 27.16 40.98
N HIS A 375 -7.26 26.44 39.86
CA HIS A 375 -8.23 25.35 39.71
C HIS A 375 -8.04 24.26 40.75
N MET A 376 -6.79 23.83 40.92
CA MET A 376 -6.47 22.79 41.89
C MET A 376 -6.97 23.22 43.28
N GLN A 377 -6.72 24.48 43.60
CA GLN A 377 -7.14 25.06 44.87
C GLN A 377 -8.66 24.96 45.00
N ASN A 378 -9.37 25.33 43.92
CA ASN A 378 -10.82 25.29 43.91
C ASN A 378 -11.33 23.87 44.11
N GLU A 379 -10.67 22.91 43.45
CA GLU A 379 -11.06 21.51 43.52
C GLU A 379 -10.92 20.89 44.89
N TYR A 380 -9.80 21.13 45.57
CA TYR A 380 -9.62 20.56 46.91
C TYR A 380 -10.67 21.13 47.86
N ARG A 381 -11.07 22.36 47.62
CA ARG A 381 -12.07 23.02 48.44
C ARG A 381 -13.46 22.47 48.10
N ALA A 382 -13.73 22.29 46.81
CA ALA A 382 -15.02 21.80 46.35
C ALA A 382 -15.28 20.32 46.57
N ARG A 383 -14.30 19.46 46.30
CA ARG A 383 -14.53 18.04 46.50
C ARG A 383 -13.37 17.27 47.13
N GLY A 384 -12.46 17.99 47.77
CA GLY A 384 -11.34 17.35 48.44
C GLY A 384 -10.27 16.66 47.60
N GLY A 385 -9.98 17.20 46.42
CA GLY A 385 -8.96 16.58 45.60
C GLY A 385 -9.01 16.98 44.14
N CYS A 386 -7.97 16.59 43.42
CA CYS A 386 -7.86 16.89 41.99
C CYS A 386 -6.82 15.95 41.40
N PRO A 387 -7.27 14.91 40.68
CA PRO A 387 -6.32 13.97 40.08
C PRO A 387 -5.38 14.76 39.18
N ALA A 388 -4.08 14.57 39.34
CA ALA A 388 -3.11 15.32 38.55
C ALA A 388 -1.84 14.54 38.27
N ASP A 389 -1.42 14.56 37.01
CA ASP A 389 -0.20 13.89 36.59
C ASP A 389 0.89 14.96 36.41
N TRP A 390 1.71 15.13 37.44
CA TRP A 390 2.80 16.12 37.45
C TRP A 390 3.63 16.11 36.17
N ILE A 391 3.97 14.90 35.73
CA ILE A 391 4.80 14.74 34.54
C ILE A 391 4.22 15.38 33.29
N TRP A 392 2.90 15.39 33.18
CA TRP A 392 2.26 16.01 32.02
C TRP A 392 1.89 17.46 32.27
N LEU A 393 1.65 17.80 33.54
CA LEU A 393 1.24 19.15 33.87
C LEU A 393 2.35 20.20 33.85
N VAL A 394 3.58 19.80 34.15
CA VAL A 394 4.69 20.74 34.12
C VAL A 394 5.05 20.97 32.63
N PRO A 395 5.03 22.23 32.18
CA PRO A 395 5.34 22.60 30.79
C PRO A 395 6.70 22.07 30.34
N PRO A 396 6.87 21.84 29.02
CA PRO A 396 8.11 21.32 28.46
C PRO A 396 9.33 22.25 28.54
N VAL A 397 9.13 23.47 29.02
CA VAL A 397 10.23 24.43 29.22
C VAL A 397 9.94 25.21 30.51
N SER A 398 10.99 25.80 31.06
CA SER A 398 10.91 26.60 32.28
C SER A 398 10.16 25.93 33.44
N GLY A 399 10.36 24.62 33.59
CA GLY A 399 9.72 23.86 34.64
C GLY A 399 9.54 24.52 36.01
N SER A 400 10.62 24.72 36.76
CA SER A 400 10.51 25.30 38.10
C SER A 400 10.13 26.79 38.14
N ILE A 401 10.06 27.42 36.97
CA ILE A 401 9.67 28.82 36.94
C ILE A 401 8.16 28.88 37.07
N THR A 402 7.49 27.76 36.79
CA THR A 402 6.04 27.70 36.91
C THR A 402 5.71 27.17 38.30
N PRO A 403 4.56 27.57 38.85
CA PRO A 403 4.17 27.11 40.19
C PRO A 403 3.85 25.61 40.29
N VAL A 404 3.32 25.04 39.21
CA VAL A 404 2.97 23.62 39.19
C VAL A 404 4.14 22.71 39.53
N PHE A 405 5.34 23.08 39.11
CA PHE A 405 6.55 22.29 39.38
C PHE A 405 6.76 22.04 40.87
N HIS A 406 6.43 23.02 41.71
CA HIS A 406 6.62 22.89 43.16
C HIS A 406 5.45 22.32 43.95
N GLN A 407 4.42 21.89 43.24
CA GLN A 407 3.21 21.35 43.88
C GLN A 407 3.15 19.82 43.85
N GLU A 408 3.09 19.19 45.02
CA GLU A 408 2.98 17.73 45.06
C GLU A 408 1.57 17.43 44.55
N MET A 409 1.44 16.33 43.82
CA MET A 409 0.14 15.95 43.25
C MET A 409 -0.13 14.47 43.37
N LEU A 410 -1.41 14.11 43.40
CA LEU A 410 -1.83 12.72 43.48
C LEU A 410 -2.49 12.36 42.16
N ASN A 411 -2.05 11.28 41.53
CA ASN A 411 -2.61 10.85 40.27
C ASN A 411 -3.47 9.59 40.43
N TYR A 412 -4.73 9.69 40.08
CA TYR A 412 -5.65 8.56 40.16
C TYR A 412 -6.76 8.67 39.13
N VAL A 413 -7.37 7.52 38.83
CA VAL A 413 -8.43 7.42 37.84
C VAL A 413 -9.83 7.36 38.45
N LEU A 414 -10.64 8.38 38.17
CA LEU A 414 -12.00 8.43 38.67
C LEU A 414 -12.95 8.07 37.52
N SER A 415 -14.23 8.36 37.68
CA SER A 415 -15.23 8.09 36.65
C SER A 415 -16.29 9.18 36.76
N PRO A 416 -16.74 9.75 35.64
CA PRO A 416 -16.39 9.53 34.22
C PRO A 416 -14.91 9.80 33.95
N PHE A 417 -14.41 9.27 32.82
CA PHE A 417 -13.00 9.42 32.50
C PHE A 417 -12.74 9.26 31.00
N TYR A 418 -11.70 9.93 30.51
CA TYR A 418 -11.30 9.84 29.11
C TYR A 418 -10.12 8.88 29.03
N TYR A 419 -10.32 7.72 28.42
CA TYR A 419 -9.27 6.71 28.31
C TYR A 419 -8.63 6.65 26.93
N TYR A 420 -7.44 6.07 26.88
CA TYR A 420 -6.75 5.86 25.62
C TYR A 420 -7.38 4.56 25.11
N GLN A 421 -7.13 4.22 23.85
CA GLN A 421 -7.66 2.98 23.28
C GLN A 421 -6.53 2.32 22.53
N ILE A 422 -6.70 1.04 22.20
CA ILE A 422 -5.69 0.35 21.42
C ILE A 422 -5.86 0.87 20.00
N GLU A 423 -4.76 1.17 19.32
CA GLU A 423 -4.84 1.67 17.95
C GLU A 423 -5.75 0.75 17.13
N PRO A 424 -6.78 1.33 16.49
CA PRO A 424 -7.75 0.58 15.68
C PRO A 424 -7.19 -0.34 14.60
N TRP A 425 -6.13 0.08 13.92
CA TRP A 425 -5.55 -0.75 12.87
C TRP A 425 -4.94 -2.03 13.39
N LYS A 426 -4.76 -2.11 14.70
CA LYS A 426 -4.18 -3.30 15.31
C LYS A 426 -5.24 -4.31 15.70
N THR A 427 -6.49 -3.87 15.81
CA THR A 427 -7.57 -4.78 16.21
C THR A 427 -8.72 -4.88 15.21
N HIS A 428 -8.71 -4.05 14.18
CA HIS A 428 -9.78 -4.06 13.19
C HIS A 428 -9.80 -5.28 12.28
N ILE A 429 -11.00 -5.84 12.11
CA ILE A 429 -11.19 -7.00 11.24
C ILE A 429 -11.76 -6.47 9.92
N TRP A 430 -10.94 -6.47 8.89
CA TRP A 430 -11.36 -5.97 7.58
C TRP A 430 -12.39 -6.84 6.87
N GLN A 431 -13.33 -6.19 6.19
CA GLN A 431 -14.38 -6.86 5.43
C GLN A 431 -13.77 -7.24 4.09
N ASN A 432 -12.79 -6.43 3.68
CA ASN A 432 -12.07 -6.58 2.44
C ASN A 432 -11.09 -5.41 2.41
N GLN B 12 -8.98 -32.77 -47.67
CA GLN B 12 -9.51 -31.68 -46.80
C GLN B 12 -8.37 -30.96 -46.10
N TYR B 13 -8.00 -29.82 -46.64
CA TYR B 13 -6.92 -29.00 -46.08
C TYR B 13 -7.37 -27.57 -46.33
N VAL B 14 -6.67 -26.58 -45.78
CA VAL B 14 -7.06 -25.19 -46.04
C VAL B 14 -5.97 -24.65 -46.93
N ARG B 15 -6.35 -23.97 -48.01
CA ARG B 15 -5.38 -23.42 -48.95
C ARG B 15 -4.79 -22.15 -48.37
N ILE B 16 -3.47 -22.04 -48.42
CA ILE B 16 -2.74 -20.88 -47.91
C ILE B 16 -1.84 -20.31 -48.99
N LYS B 17 -1.93 -19.00 -49.21
CA LYS B 17 -1.15 -18.36 -50.26
C LYS B 17 -0.19 -17.25 -49.82
N ASN B 18 0.97 -17.20 -50.47
CA ASN B 18 1.97 -16.18 -50.21
C ASN B 18 1.82 -15.21 -51.39
N TRP B 19 1.31 -14.02 -51.12
CA TRP B 19 1.09 -13.06 -52.18
C TRP B 19 2.31 -12.35 -52.74
N GLY B 20 3.49 -12.78 -52.32
CA GLY B 20 4.71 -12.18 -52.82
C GLY B 20 5.37 -13.11 -53.82
N SER B 21 5.32 -14.41 -53.53
CA SER B 21 5.93 -15.41 -54.41
C SER B 21 4.89 -16.24 -55.18
N GLY B 22 3.65 -16.23 -54.70
CA GLY B 22 2.60 -16.99 -55.36
C GLY B 22 2.53 -18.42 -54.85
N GLU B 23 3.51 -18.79 -54.02
CA GLU B 23 3.56 -20.15 -53.48
C GLU B 23 2.29 -20.51 -52.72
N ILE B 24 1.86 -21.76 -52.87
CA ILE B 24 0.66 -22.26 -52.23
C ILE B 24 1.03 -23.38 -51.25
N LEU B 25 0.36 -23.39 -50.10
CA LEU B 25 0.58 -24.40 -49.08
C LEU B 25 -0.75 -24.98 -48.63
N HIS B 26 -0.75 -26.26 -48.27
CA HIS B 26 -1.97 -26.92 -47.81
C HIS B 26 -1.85 -27.25 -46.33
N ASP B 27 -2.74 -26.68 -45.52
CA ASP B 27 -2.70 -26.92 -44.09
C ASP B 27 -3.66 -28.03 -43.66
N THR B 28 -3.10 -29.06 -43.03
CA THR B 28 -3.88 -30.19 -42.53
C THR B 28 -3.75 -30.25 -41.00
N LEU B 29 -2.68 -29.67 -40.49
CA LEU B 29 -2.42 -29.69 -39.05
C LEU B 29 -3.54 -29.06 -38.22
N HIS B 30 -4.26 -28.08 -38.78
CA HIS B 30 -5.34 -27.42 -38.04
C HIS B 30 -6.38 -28.43 -37.56
N HIS B 31 -6.35 -29.64 -38.14
CA HIS B 31 -7.30 -30.69 -37.79
C HIS B 31 -7.04 -31.24 -36.39
N LYS B 32 -5.80 -31.10 -35.94
CA LYS B 32 -5.42 -31.58 -34.61
C LYS B 32 -5.77 -30.56 -33.51
N ALA B 33 -6.36 -29.44 -33.92
CA ALA B 33 -6.72 -28.36 -33.01
C ALA B 33 -7.80 -28.67 -32.00
N THR B 34 -7.65 -27.97 -30.87
CA THR B 34 -8.44 -28.12 -29.65
C THR B 34 -9.83 -27.52 -29.51
N SER B 35 -10.07 -27.01 -28.29
CA SER B 35 -11.25 -26.28 -27.86
C SER B 35 -11.52 -25.20 -28.91
N ASP B 36 -12.60 -24.48 -28.75
CA ASP B 36 -12.89 -23.45 -29.71
C ASP B 36 -11.95 -22.28 -29.50
N PHE B 37 -11.81 -21.46 -30.53
CA PHE B 37 -10.90 -20.33 -30.51
C PHE B 37 -11.51 -19.01 -30.09
N THR B 38 -10.83 -17.95 -30.50
CA THR B 38 -11.24 -16.59 -30.19
C THR B 38 -12.49 -16.13 -30.94
N CYS B 39 -12.56 -16.46 -32.22
CA CYS B 39 -13.65 -16.01 -33.06
C CYS B 39 -14.89 -16.88 -33.21
N LYS B 40 -16.03 -16.20 -33.26
CA LYS B 40 -17.33 -16.84 -33.42
C LYS B 40 -17.74 -16.87 -34.90
N SER B 41 -18.96 -17.34 -35.17
CA SER B 41 -19.46 -17.48 -36.54
C SER B 41 -19.72 -16.24 -37.41
N LYS B 42 -20.05 -15.11 -36.82
CA LYS B 42 -20.33 -13.92 -37.63
C LYS B 42 -19.38 -12.75 -37.46
N SER B 43 -18.24 -13.00 -36.81
CA SER B 43 -17.27 -11.93 -36.63
C SER B 43 -15.91 -12.51 -36.22
N CYS B 44 -14.86 -11.71 -36.34
CA CYS B 44 -13.52 -12.15 -35.99
C CYS B 44 -12.97 -11.43 -34.74
N LEU B 45 -12.51 -12.20 -33.76
CA LEU B 45 -11.91 -11.68 -32.53
C LEU B 45 -10.37 -11.65 -32.70
N GLY B 46 -9.89 -11.66 -33.94
CA GLY B 46 -8.44 -11.70 -34.21
C GLY B 46 -7.48 -10.67 -33.58
N SER B 47 -7.88 -9.40 -33.45
CA SER B 47 -6.95 -8.42 -32.87
C SER B 47 -7.02 -8.26 -31.35
N ILE B 48 -7.60 -9.25 -30.70
CA ILE B 48 -7.73 -9.21 -29.25
C ILE B 48 -6.43 -9.70 -28.61
N MET B 49 -5.89 -8.93 -27.67
CA MET B 49 -4.64 -9.32 -27.03
C MET B 49 -4.73 -10.53 -26.10
N ASN B 50 -5.68 -10.50 -25.17
CA ASN B 50 -5.82 -11.59 -24.23
C ASN B 50 -7.19 -12.24 -24.27
N PRO B 51 -7.50 -13.00 -25.33
CA PRO B 51 -8.82 -13.65 -25.40
C PRO B 51 -8.86 -14.85 -24.46
N LYS B 52 -10.06 -15.24 -24.06
CA LYS B 52 -10.22 -16.38 -23.14
C LYS B 52 -9.69 -17.68 -23.72
N SER B 53 -9.70 -17.79 -25.05
CA SER B 53 -9.23 -19.01 -25.71
C SER B 53 -7.72 -19.22 -25.57
N LEU B 54 -7.00 -18.16 -25.23
CA LEU B 54 -5.54 -18.26 -25.06
C LEU B 54 -5.20 -18.18 -23.59
N THR B 55 -6.23 -18.28 -22.74
CA THR B 55 -6.05 -18.19 -21.31
C THR B 55 -6.52 -19.45 -20.58
N ARG B 56 -5.69 -19.95 -19.66
CA ARG B 56 -6.05 -21.12 -18.87
C ARG B 56 -6.08 -20.63 -17.42
N GLY B 57 -7.29 -20.43 -16.91
CA GLY B 57 -7.47 -19.92 -15.55
C GLY B 57 -7.22 -20.86 -14.39
N PRO B 58 -7.50 -20.42 -13.15
CA PRO B 58 -7.31 -21.20 -11.93
C PRO B 58 -8.36 -22.28 -11.70
N ARG B 59 -8.11 -23.14 -10.71
CA ARG B 59 -9.02 -24.22 -10.35
C ARG B 59 -9.03 -24.36 -8.82
N ASP B 60 -10.08 -24.97 -8.28
CA ASP B 60 -10.17 -25.19 -6.84
C ASP B 60 -10.41 -26.68 -6.59
N LYS B 61 -10.34 -27.45 -7.67
CA LYS B 61 -10.53 -28.90 -7.62
C LYS B 61 -9.65 -29.51 -8.70
N PRO B 62 -9.17 -30.74 -8.49
CA PRO B 62 -8.33 -31.39 -9.49
C PRO B 62 -9.08 -31.53 -10.82
N THR B 63 -8.33 -31.63 -11.91
CA THR B 63 -8.93 -31.78 -13.23
C THR B 63 -9.73 -33.08 -13.30
N PRO B 64 -11.02 -32.99 -13.67
CA PRO B 64 -11.88 -34.17 -13.77
C PRO B 64 -11.27 -35.30 -14.59
N LEU B 65 -11.45 -36.52 -14.08
CA LEU B 65 -10.93 -37.74 -14.69
C LEU B 65 -11.28 -37.85 -16.18
N GLU B 66 -12.59 -37.77 -16.48
CA GLU B 66 -13.04 -37.88 -17.87
C GLU B 66 -12.42 -36.84 -18.81
N GLU B 67 -11.90 -35.76 -18.24
CA GLU B 67 -11.27 -34.72 -19.05
C GLU B 67 -9.78 -34.99 -19.20
N LEU B 68 -9.14 -35.31 -18.08
CA LEU B 68 -7.70 -35.57 -18.03
C LEU B 68 -7.21 -36.77 -18.84
N LEU B 69 -7.82 -37.94 -18.61
CA LEU B 69 -7.42 -39.17 -19.28
C LEU B 69 -7.27 -39.10 -20.80
N PRO B 70 -8.26 -38.52 -21.50
CA PRO B 70 -8.14 -38.43 -22.97
C PRO B 70 -6.95 -37.56 -23.41
N HIS B 71 -6.72 -36.46 -22.69
CA HIS B 71 -5.60 -35.57 -23.04
C HIS B 71 -4.26 -36.28 -22.80
N ALA B 72 -4.17 -37.00 -21.70
CA ALA B 72 -2.94 -37.73 -21.35
C ALA B 72 -2.60 -38.76 -22.42
N ILE B 73 -3.60 -39.53 -22.83
CA ILE B 73 -3.38 -40.55 -23.85
C ILE B 73 -2.93 -39.94 -25.17
N GLU B 74 -3.51 -38.80 -25.51
CA GLU B 74 -3.17 -38.11 -26.76
C GLU B 74 -1.70 -37.68 -26.73
N PHE B 75 -1.25 -37.15 -25.60
CA PHE B 75 0.15 -36.73 -25.48
C PHE B 75 1.12 -37.91 -25.55
N ILE B 76 0.79 -39.00 -24.85
CA ILE B 76 1.66 -40.17 -24.86
C ILE B 76 1.79 -40.65 -26.31
N ASN B 77 0.68 -40.61 -27.06
CA ASN B 77 0.73 -41.03 -28.45
C ASN B 77 1.64 -40.09 -29.24
N GLN B 78 1.56 -38.80 -28.95
CA GLN B 78 2.39 -37.81 -29.62
C GLN B 78 3.87 -38.07 -29.34
N TYR B 79 4.19 -38.25 -28.07
CA TYR B 79 5.56 -38.49 -27.64
C TYR B 79 6.19 -39.70 -28.32
N TYR B 80 5.57 -40.86 -28.19
CA TYR B 80 6.12 -42.07 -28.80
C TYR B 80 6.03 -41.97 -30.32
N GLY B 81 5.12 -41.14 -30.81
CA GLY B 81 4.96 -40.97 -32.24
C GLY B 81 6.07 -40.14 -32.87
N SER B 82 6.82 -39.41 -32.05
CA SER B 82 7.91 -38.57 -32.56
C SER B 82 9.21 -39.33 -32.79
N PHE B 83 9.31 -40.54 -32.25
CA PHE B 83 10.52 -41.35 -32.39
C PHE B 83 10.72 -41.76 -33.85
N LYS B 84 11.94 -41.62 -34.35
CA LYS B 84 12.22 -42.00 -35.73
C LYS B 84 12.32 -43.53 -35.78
N GLU B 85 12.29 -44.13 -34.61
CA GLU B 85 12.35 -45.60 -34.48
C GLU B 85 11.34 -45.96 -33.40
N ALA B 86 10.13 -46.30 -33.84
CA ALA B 86 9.05 -46.68 -32.94
C ALA B 86 9.39 -47.78 -31.94
N LYS B 87 9.04 -47.52 -30.69
CA LYS B 87 9.24 -48.48 -29.58
C LYS B 87 7.85 -48.89 -29.14
N ILE B 88 7.22 -49.65 -30.02
CA ILE B 88 5.87 -50.17 -29.85
C ILE B 88 5.57 -50.67 -28.45
N GLU B 89 6.42 -51.57 -27.97
CA GLU B 89 6.24 -52.12 -26.64
C GLU B 89 6.19 -51.06 -25.55
N GLU B 90 7.19 -50.18 -25.55
CA GLU B 90 7.26 -49.12 -24.54
C GLU B 90 6.05 -48.19 -24.60
N HIS B 91 5.62 -47.87 -25.82
CA HIS B 91 4.47 -47.00 -26.04
C HIS B 91 3.23 -47.59 -25.36
N LEU B 92 2.91 -48.84 -25.69
CA LEU B 92 1.75 -49.52 -25.11
C LEU B 92 1.86 -49.61 -23.59
N ALA B 93 3.05 -49.96 -23.10
CA ALA B 93 3.27 -50.08 -21.67
C ALA B 93 3.03 -48.74 -20.98
N ARG B 94 3.56 -47.68 -21.58
CA ARG B 94 3.41 -46.34 -21.03
C ARG B 94 1.94 -45.93 -21.01
N LEU B 95 1.23 -46.21 -22.10
CA LEU B 95 -0.19 -45.90 -22.19
C LEU B 95 -0.93 -46.55 -21.03
N GLU B 96 -0.66 -47.82 -20.81
CA GLU B 96 -1.32 -48.55 -19.73
C GLU B 96 -0.97 -47.97 -18.36
N ALA B 97 0.32 -47.69 -18.15
CA ALA B 97 0.76 -47.14 -16.87
C ALA B 97 0.10 -45.80 -16.56
N VAL B 98 0.09 -44.88 -17.53
CA VAL B 98 -0.52 -43.57 -17.32
C VAL B 98 -2.02 -43.73 -17.07
N THR B 99 -2.68 -44.60 -17.84
CA THR B 99 -4.10 -44.82 -17.67
C THR B 99 -4.41 -45.24 -16.23
N LYS B 100 -3.67 -46.23 -15.73
CA LYS B 100 -3.89 -46.71 -14.37
C LYS B 100 -3.54 -45.68 -13.30
N GLU B 101 -2.42 -44.98 -13.48
CA GLU B 101 -2.01 -43.98 -12.52
C GLU B 101 -3.12 -42.95 -12.34
N ILE B 102 -3.66 -42.48 -13.45
CA ILE B 102 -4.74 -41.49 -13.42
C ILE B 102 -6.00 -42.06 -12.77
N GLU B 103 -6.42 -43.24 -13.21
CA GLU B 103 -7.63 -43.85 -12.65
C GLU B 103 -7.49 -44.15 -11.14
N THR B 104 -6.28 -44.44 -10.69
CA THR B 104 -6.08 -44.75 -9.27
C THR B 104 -5.63 -43.58 -8.39
N THR B 105 -4.94 -42.60 -8.98
CA THR B 105 -4.47 -41.45 -8.19
C THR B 105 -5.18 -40.15 -8.54
N GLY B 106 -5.76 -40.10 -9.73
CA GLY B 106 -6.46 -38.89 -10.15
C GLY B 106 -5.61 -37.99 -11.02
N THR B 107 -4.35 -38.35 -11.18
CA THR B 107 -3.41 -37.58 -12.00
C THR B 107 -2.23 -38.45 -12.36
N TYR B 108 -1.18 -37.85 -12.91
CA TYR B 108 0.01 -38.63 -13.27
C TYR B 108 1.25 -37.76 -13.39
N GLN B 109 2.40 -38.41 -13.40
CA GLN B 109 3.68 -37.72 -13.51
C GLN B 109 4.34 -38.01 -14.85
N LEU B 110 4.95 -36.99 -15.45
CA LEU B 110 5.64 -37.15 -16.72
C LEU B 110 7.07 -37.60 -16.47
N THR B 111 7.69 -38.24 -17.46
CA THR B 111 9.08 -38.63 -17.31
C THR B 111 9.85 -37.37 -17.73
N LEU B 112 11.14 -37.32 -17.44
CA LEU B 112 11.93 -36.15 -17.81
C LEU B 112 11.95 -35.92 -19.32
N ASP B 113 12.17 -37.00 -20.08
CA ASP B 113 12.22 -36.88 -21.54
C ASP B 113 10.87 -36.44 -22.10
N GLU B 114 9.78 -36.86 -21.45
CA GLU B 114 8.46 -36.48 -21.90
C GLU B 114 8.28 -34.97 -21.68
N LEU B 115 8.71 -34.50 -20.51
CA LEU B 115 8.62 -33.08 -20.17
C LEU B 115 9.44 -32.25 -21.15
N ILE B 116 10.68 -32.69 -21.41
CA ILE B 116 11.56 -31.97 -22.34
C ILE B 116 10.89 -31.86 -23.70
N PHE B 117 10.34 -32.98 -24.17
CA PHE B 117 9.66 -33.03 -25.44
C PHE B 117 8.49 -32.03 -25.41
N ALA B 118 7.76 -32.04 -24.31
CA ALA B 118 6.61 -31.16 -24.13
C ALA B 118 6.93 -29.66 -24.18
N THR B 119 8.02 -29.25 -23.53
CA THR B 119 8.39 -27.83 -23.52
C THR B 119 8.75 -27.35 -24.92
N LYS B 120 9.41 -28.22 -25.69
CA LYS B 120 9.81 -27.86 -27.04
C LYS B 120 8.62 -27.84 -28.00
N MET B 121 7.69 -28.77 -27.81
CA MET B 121 6.52 -28.83 -28.68
C MET B 121 5.61 -27.63 -28.39
N ALA B 122 5.52 -27.25 -27.11
CA ALA B 122 4.70 -26.09 -26.74
C ALA B 122 5.27 -24.84 -27.40
N TRP B 123 6.58 -24.76 -27.49
CA TRP B 123 7.24 -23.62 -28.12
C TRP B 123 6.94 -23.69 -29.62
N ARG B 124 7.10 -24.89 -30.16
CA ARG B 124 6.83 -25.15 -31.57
C ARG B 124 5.40 -24.75 -31.91
N ASN B 125 4.49 -24.95 -30.95
CA ASN B 125 3.06 -24.64 -31.13
C ASN B 125 2.64 -23.22 -30.72
N ALA B 126 3.61 -22.35 -30.39
CA ALA B 126 3.29 -20.97 -29.98
C ALA B 126 3.07 -20.11 -31.22
N PRO B 127 1.80 -19.79 -31.55
CA PRO B 127 1.44 -18.99 -32.72
C PRO B 127 2.03 -17.58 -32.78
N ARG B 128 2.30 -16.99 -31.61
CA ARG B 128 2.82 -15.63 -31.58
C ARG B 128 4.35 -15.48 -31.54
N CYS B 129 5.09 -16.58 -31.67
CA CYS B 129 6.54 -16.55 -31.63
C CYS B 129 7.24 -16.61 -33.00
N ILE B 130 7.99 -15.58 -33.34
CA ILE B 130 8.70 -15.52 -34.61
C ILE B 130 10.02 -16.29 -34.61
N GLY B 131 10.51 -16.68 -33.43
CA GLY B 131 11.78 -17.38 -33.38
C GLY B 131 11.74 -18.89 -33.30
N ARG B 132 10.61 -19.48 -33.67
CA ARG B 132 10.44 -20.93 -33.59
C ARG B 132 11.34 -21.82 -34.42
N ILE B 133 12.21 -21.25 -35.25
CA ILE B 133 13.10 -22.12 -36.01
C ILE B 133 14.05 -22.76 -35.00
N GLN B 134 14.17 -22.13 -33.84
CA GLN B 134 15.04 -22.60 -32.76
C GLN B 134 14.34 -23.56 -31.80
N TRP B 135 13.09 -23.92 -32.08
CA TRP B 135 12.29 -24.76 -31.19
C TRP B 135 12.91 -26.02 -30.57
N SER B 136 13.80 -26.70 -31.27
CA SER B 136 14.41 -27.91 -30.73
C SER B 136 15.68 -27.65 -29.90
N ASN B 137 16.07 -26.39 -29.79
CA ASN B 137 17.27 -26.01 -29.05
C ASN B 137 16.81 -25.31 -27.77
N LEU B 138 16.56 -26.09 -26.73
CA LEU B 138 16.09 -25.54 -25.47
C LEU B 138 16.58 -26.32 -24.26
N GLN B 139 17.19 -25.61 -23.32
CA GLN B 139 17.68 -26.22 -22.09
C GLN B 139 16.52 -26.27 -21.10
N VAL B 140 16.28 -27.45 -20.53
CA VAL B 140 15.19 -27.60 -19.59
C VAL B 140 15.67 -27.86 -18.17
N PHE B 141 15.23 -27.02 -17.24
CA PHE B 141 15.59 -27.18 -15.83
C PHE B 141 14.38 -27.77 -15.11
N ASP B 142 14.54 -28.99 -14.60
CA ASP B 142 13.47 -29.68 -13.90
C ASP B 142 13.40 -29.30 -12.42
N ALA B 143 12.46 -28.43 -12.08
CA ALA B 143 12.28 -27.99 -10.70
C ALA B 143 10.94 -28.46 -10.15
N ARG B 144 10.49 -29.62 -10.63
CA ARG B 144 9.21 -30.16 -10.17
C ARG B 144 9.23 -30.63 -8.72
N ASN B 145 10.41 -30.69 -8.12
CA ASN B 145 10.53 -31.13 -6.73
C ASN B 145 10.64 -29.94 -5.79
N CYS B 146 10.54 -28.73 -6.34
CA CYS B 146 10.62 -27.49 -5.59
C CYS B 146 9.49 -27.41 -4.56
N SER B 147 9.76 -26.79 -3.40
CA SER B 147 8.72 -26.68 -2.39
C SER B 147 8.57 -25.31 -1.73
N THR B 148 9.65 -24.54 -1.66
CA THR B 148 9.57 -23.22 -1.03
C THR B 148 9.87 -22.08 -2.00
N ALA B 149 9.51 -20.87 -1.59
CA ALA B 149 9.74 -19.69 -2.40
C ALA B 149 11.24 -19.44 -2.54
N GLN B 150 11.98 -19.68 -1.46
CA GLN B 150 13.43 -19.50 -1.47
C GLN B 150 14.06 -20.44 -2.50
N GLU B 151 13.53 -21.66 -2.58
CA GLU B 151 14.04 -22.62 -3.54
C GLU B 151 13.69 -22.16 -4.96
N MET B 152 12.52 -21.54 -5.12
CA MET B 152 12.11 -21.01 -6.42
C MET B 152 13.13 -19.97 -6.87
N PHE B 153 13.41 -19.04 -5.96
CA PHE B 153 14.37 -17.97 -6.20
C PHE B 153 15.71 -18.54 -6.64
N GLN B 154 16.14 -19.62 -5.99
CA GLN B 154 17.42 -20.23 -6.33
C GLN B 154 17.40 -20.82 -7.73
N HIS B 155 16.31 -21.49 -8.08
CA HIS B 155 16.19 -22.08 -9.42
C HIS B 155 16.19 -20.99 -10.49
N ILE B 156 15.47 -19.92 -10.21
CA ILE B 156 15.37 -18.80 -11.15
C ILE B 156 16.73 -18.14 -11.33
N CYS B 157 17.50 -18.06 -10.26
CA CYS B 157 18.84 -17.48 -10.37
C CYS B 157 19.74 -18.37 -11.24
N ARG B 158 19.65 -19.69 -11.09
CA ARG B 158 20.46 -20.64 -11.90
C ARG B 158 20.06 -20.41 -13.38
N HIS B 159 18.77 -20.23 -13.61
CA HIS B 159 18.27 -20.04 -14.97
C HIS B 159 18.81 -18.76 -15.59
N ILE B 160 18.66 -17.65 -14.90
CA ILE B 160 19.14 -16.37 -15.40
C ILE B 160 20.62 -16.46 -15.73
N LEU B 161 21.40 -17.06 -14.83
CA LEU B 161 22.83 -17.19 -15.05
C LEU B 161 23.14 -18.08 -16.27
N TYR B 162 22.45 -19.22 -16.36
CA TYR B 162 22.68 -20.12 -17.50
C TYR B 162 22.32 -19.45 -18.83
N ALA B 163 21.14 -18.83 -18.88
CA ALA B 163 20.63 -18.18 -20.09
C ALA B 163 21.45 -16.98 -20.55
N THR B 164 21.89 -16.15 -19.60
CA THR B 164 22.66 -14.96 -19.92
C THR B 164 24.00 -15.35 -20.52
N ASN B 165 24.67 -16.31 -19.88
CA ASN B 165 25.94 -16.82 -20.35
C ASN B 165 26.92 -15.76 -20.86
N ASN B 166 27.14 -14.72 -20.06
CA ASN B 166 28.08 -13.64 -20.39
C ASN B 166 27.80 -12.97 -21.73
N GLY B 167 26.54 -12.97 -22.17
CA GLY B 167 26.19 -12.32 -23.43
C GLY B 167 25.85 -13.27 -24.57
N ASN B 168 26.34 -14.50 -24.49
CA ASN B 168 26.05 -15.50 -25.52
C ASN B 168 24.77 -16.19 -25.05
N ILE B 169 23.65 -15.48 -25.22
CA ILE B 169 22.34 -15.94 -24.78
C ILE B 169 21.94 -17.35 -25.19
N ARG B 170 21.44 -18.11 -24.22
CA ARG B 170 20.99 -19.48 -24.43
C ARG B 170 19.53 -19.61 -23.99
N SER B 171 18.70 -20.26 -24.82
CA SER B 171 17.29 -20.44 -24.51
C SER B 171 17.10 -21.50 -23.44
N ALA B 172 16.24 -21.21 -22.46
CA ALA B 172 16.00 -22.16 -21.39
C ALA B 172 14.62 -21.99 -20.77
N ILE B 173 14.19 -23.02 -20.06
CA ILE B 173 12.91 -22.97 -19.37
C ILE B 173 13.08 -23.73 -18.06
N THR B 174 12.46 -23.23 -17.00
CA THR B 174 12.51 -23.90 -15.71
C THR B 174 11.07 -24.32 -15.39
N VAL B 175 10.88 -25.61 -15.19
CA VAL B 175 9.56 -26.15 -14.90
C VAL B 175 9.33 -26.45 -13.42
N PHE B 176 8.42 -25.70 -12.81
CA PHE B 176 8.10 -25.88 -11.42
C PHE B 176 6.97 -26.90 -11.28
N PRO B 177 6.63 -27.31 -10.05
CA PRO B 177 5.57 -28.29 -9.79
C PRO B 177 4.24 -28.05 -10.51
N GLN B 178 3.71 -29.11 -11.10
CA GLN B 178 2.44 -29.02 -11.81
C GLN B 178 1.31 -28.76 -10.83
N ARG B 179 0.22 -28.20 -11.35
CA ARG B 179 -0.95 -27.90 -10.55
C ARG B 179 -1.55 -29.20 -10.02
N SER B 180 -1.89 -29.21 -8.74
CA SER B 180 -2.49 -30.38 -8.11
C SER B 180 -3.99 -30.17 -8.01
N ASP B 181 -4.43 -29.48 -6.96
CA ASP B 181 -5.84 -29.22 -6.78
C ASP B 181 -6.21 -27.78 -7.10
N GLY B 182 -5.21 -27.00 -7.49
CA GLY B 182 -5.46 -25.60 -7.83
C GLY B 182 -5.33 -24.69 -6.64
N LYS B 183 -5.12 -25.27 -5.46
CA LYS B 183 -4.98 -24.49 -4.24
C LYS B 183 -3.52 -24.40 -3.81
N HIS B 184 -2.65 -25.11 -4.51
CA HIS B 184 -1.22 -25.10 -4.19
C HIS B 184 -0.36 -24.74 -5.39
N ASP B 185 -0.85 -23.80 -6.21
CA ASP B 185 -0.13 -23.37 -7.40
C ASP B 185 1.18 -22.63 -7.13
N PHE B 186 2.15 -22.87 -8.00
CA PHE B 186 3.41 -22.15 -7.92
C PHE B 186 3.18 -21.06 -8.98
N ARG B 187 3.51 -19.82 -8.66
CA ARG B 187 3.30 -18.73 -9.60
C ARG B 187 4.34 -17.64 -9.46
N LEU B 188 4.79 -17.10 -10.59
CA LEU B 188 5.71 -15.97 -10.57
C LEU B 188 4.75 -14.84 -10.88
N TRP B 189 4.68 -13.84 -10.01
CA TRP B 189 3.75 -12.74 -10.23
C TRP B 189 4.24 -11.77 -11.28
N ASN B 190 5.55 -11.74 -11.50
CA ASN B 190 6.16 -10.87 -12.49
C ASN B 190 5.73 -11.32 -13.90
N SER B 191 5.68 -10.37 -14.83
CA SER B 191 5.34 -10.71 -16.21
C SER B 191 6.58 -11.26 -16.90
N GLN B 192 7.74 -10.69 -16.54
CA GLN B 192 9.04 -11.12 -17.08
C GLN B 192 10.03 -11.27 -15.93
N LEU B 193 11.08 -12.06 -16.12
CA LEU B 193 12.07 -12.23 -15.04
C LEU B 193 12.80 -10.92 -14.79
N ILE B 194 13.19 -10.22 -15.86
CA ILE B 194 13.88 -8.94 -15.74
C ILE B 194 12.97 -7.86 -16.32
N ARG B 195 12.72 -6.82 -15.54
CA ARG B 195 11.85 -5.72 -15.96
C ARG B 195 12.18 -4.51 -15.08
N TYR B 196 12.00 -3.31 -15.61
CA TYR B 196 12.30 -2.09 -14.86
C TYR B 196 11.08 -1.51 -14.14
N ALA B 197 11.33 -0.89 -13.00
CA ALA B 197 10.28 -0.29 -12.20
C ALA B 197 9.79 1.03 -12.80
N GLY B 198 8.61 1.45 -12.38
CA GLY B 198 8.03 2.70 -12.82
C GLY B 198 7.53 3.44 -11.59
N TYR B 199 7.88 4.71 -11.47
CA TYR B 199 7.47 5.48 -10.30
C TYR B 199 6.71 6.76 -10.60
N GLN B 200 5.71 7.02 -9.77
CA GLN B 200 4.90 8.23 -9.86
C GLN B 200 5.59 9.21 -8.92
N MET B 201 6.38 10.13 -9.47
CA MET B 201 7.11 11.10 -8.65
C MET B 201 6.23 12.17 -8.02
N PRO B 202 6.75 12.87 -7.00
CA PRO B 202 6.02 13.94 -6.31
C PRO B 202 5.54 15.05 -7.23
N ASP B 203 6.37 15.44 -8.20
CA ASP B 203 5.99 16.49 -9.14
C ASP B 203 5.02 16.04 -10.23
N GLY B 204 4.48 14.84 -10.06
CA GLY B 204 3.53 14.32 -11.04
C GLY B 204 4.12 13.62 -12.25
N THR B 205 5.43 13.72 -12.46
CA THR B 205 6.05 13.07 -13.59
C THR B 205 6.25 11.58 -13.33
N ILE B 206 6.33 10.81 -14.42
CA ILE B 206 6.54 9.37 -14.31
C ILE B 206 8.01 9.06 -14.58
N ARG B 207 8.62 8.27 -13.70
CA ARG B 207 10.02 7.91 -13.88
C ARG B 207 10.14 6.41 -14.10
N GLY B 208 10.99 6.02 -15.04
CA GLY B 208 11.16 4.60 -15.31
C GLY B 208 10.15 4.10 -16.33
N ASP B 209 9.77 2.83 -16.22
CA ASP B 209 8.81 2.20 -17.14
C ASP B 209 7.38 2.48 -16.70
N ALA B 210 6.71 3.39 -17.39
CA ALA B 210 5.34 3.75 -17.03
C ALA B 210 4.39 2.55 -16.96
N ALA B 211 4.65 1.52 -17.76
CA ALA B 211 3.79 0.34 -17.77
C ALA B 211 3.83 -0.54 -16.52
N THR B 212 4.82 -0.33 -15.64
CA THR B 212 4.91 -1.15 -14.43
C THR B 212 4.61 -0.38 -13.14
N LEU B 213 3.92 0.76 -13.26
CA LEU B 213 3.58 1.55 -12.10
C LEU B 213 2.88 0.74 -11.01
N GLU B 214 1.84 0.02 -11.40
CA GLU B 214 1.05 -0.76 -10.47
C GLU B 214 1.81 -1.93 -9.83
N PHE B 215 2.55 -2.69 -10.64
CA PHE B 215 3.30 -3.81 -10.11
C PHE B 215 4.41 -3.31 -9.19
N THR B 216 5.02 -2.18 -9.56
CA THR B 216 6.08 -1.59 -8.75
C THR B 216 5.51 -1.25 -7.37
N GLN B 217 4.31 -0.66 -7.35
CA GLN B 217 3.66 -0.31 -6.11
C GLN B 217 3.40 -1.56 -5.28
N LEU B 218 3.02 -2.65 -5.95
CA LEU B 218 2.77 -3.91 -5.26
C LEU B 218 4.05 -4.40 -4.58
N CYS B 219 5.18 -4.25 -5.27
CA CYS B 219 6.46 -4.68 -4.72
C CYS B 219 6.79 -3.83 -3.49
N ILE B 220 6.52 -2.54 -3.58
CA ILE B 220 6.76 -1.62 -2.48
C ILE B 220 5.87 -2.01 -1.29
N ASP B 221 4.64 -2.40 -1.57
CA ASP B 221 3.71 -2.79 -0.52
C ASP B 221 4.18 -4.06 0.18
N LEU B 222 4.93 -4.88 -0.56
CA LEU B 222 5.42 -6.12 0.00
C LEU B 222 6.77 -5.99 0.68
N GLY B 223 7.27 -4.76 0.86
CA GLY B 223 8.55 -4.64 1.54
C GLY B 223 9.75 -4.23 0.70
N TRP B 224 9.62 -4.26 -0.63
CA TRP B 224 10.73 -3.86 -1.51
C TRP B 224 11.00 -2.37 -1.37
N LYS B 225 12.28 -2.01 -1.34
CA LYS B 225 12.67 -0.61 -1.23
C LYS B 225 12.84 0.07 -2.58
N PRO B 226 12.00 1.08 -2.88
CA PRO B 226 12.07 1.80 -4.14
C PRO B 226 13.36 2.61 -4.25
N ARG B 227 13.96 2.64 -5.43
CA ARG B 227 15.20 3.36 -5.64
C ARG B 227 15.01 4.60 -6.51
N TYR B 228 13.80 4.80 -7.00
CA TYR B 228 13.44 5.95 -7.82
C TYR B 228 14.40 6.24 -8.96
N GLY B 229 14.82 5.19 -9.65
CA GLY B 229 15.72 5.36 -10.78
C GLY B 229 14.93 5.14 -12.05
N ARG B 230 15.55 5.39 -13.19
CA ARG B 230 14.87 5.23 -14.46
C ARG B 230 14.97 3.77 -14.94
N PHE B 231 15.96 3.06 -14.44
CA PHE B 231 16.18 1.67 -14.80
C PHE B 231 16.45 0.78 -13.59
N ASP B 232 15.51 0.74 -12.66
CA ASP B 232 15.66 -0.10 -11.46
C ASP B 232 15.04 -1.47 -11.72
N VAL B 233 15.86 -2.51 -11.64
CA VAL B 233 15.37 -3.86 -11.85
C VAL B 233 14.39 -4.24 -10.74
N LEU B 234 13.22 -4.72 -11.13
CA LEU B 234 12.19 -5.13 -10.19
C LEU B 234 12.53 -6.46 -9.53
N PRO B 235 12.05 -6.66 -8.30
CA PRO B 235 12.31 -7.91 -7.57
C PRO B 235 11.36 -9.00 -8.04
N LEU B 236 11.74 -10.24 -7.80
CA LEU B 236 10.88 -11.37 -8.15
C LEU B 236 9.83 -11.49 -7.04
N VAL B 237 8.58 -11.68 -7.44
CA VAL B 237 7.47 -11.85 -6.50
C VAL B 237 7.06 -13.30 -6.71
N LEU B 238 7.51 -14.16 -5.82
CA LEU B 238 7.27 -15.58 -5.94
C LEU B 238 6.24 -16.24 -5.04
N GLN B 239 5.34 -17.00 -5.66
CA GLN B 239 4.30 -17.73 -4.97
C GLN B 239 4.61 -19.21 -5.04
N ALA B 240 4.78 -19.84 -3.89
CA ALA B 240 5.07 -21.27 -3.85
C ALA B 240 4.00 -22.03 -3.07
N ASP B 241 3.59 -23.16 -3.63
CA ASP B 241 2.60 -24.02 -3.01
C ASP B 241 1.33 -23.28 -2.57
N GLY B 242 0.94 -22.27 -3.33
CA GLY B 242 -0.27 -21.53 -3.01
C GLY B 242 -0.14 -20.51 -1.89
N GLN B 243 1.03 -20.42 -1.28
CA GLN B 243 1.25 -19.48 -0.19
C GLN B 243 1.34 -18.04 -0.70
N ASP B 244 1.21 -17.09 0.20
CA ASP B 244 1.30 -15.68 -0.17
C ASP B 244 2.65 -15.46 -0.85
N PRO B 245 2.69 -14.57 -1.85
CA PRO B 245 3.94 -14.27 -2.57
C PRO B 245 5.02 -13.63 -1.70
N GLU B 246 6.25 -14.10 -1.89
CA GLU B 246 7.40 -13.58 -1.18
C GLU B 246 8.26 -12.83 -2.19
N VAL B 247 8.93 -11.79 -1.73
CA VAL B 247 9.75 -10.95 -2.59
C VAL B 247 11.25 -11.23 -2.50
N PHE B 248 11.93 -11.17 -3.63
CA PHE B 248 13.36 -11.46 -3.70
C PHE B 248 14.06 -10.55 -4.70
N GLU B 249 15.03 -9.77 -4.24
CA GLU B 249 15.76 -8.89 -5.13
C GLU B 249 16.69 -9.77 -5.97
N ILE B 250 16.77 -9.48 -7.26
CA ILE B 250 17.65 -10.25 -8.13
C ILE B 250 19.09 -9.76 -7.96
N PRO B 251 20.02 -10.67 -7.63
CA PRO B 251 21.41 -10.25 -7.47
C PRO B 251 21.88 -9.49 -8.71
N PRO B 252 22.26 -8.21 -8.56
CA PRO B 252 22.73 -7.38 -9.67
C PRO B 252 23.80 -8.00 -10.55
N ASP B 253 24.65 -8.86 -9.97
CA ASP B 253 25.70 -9.50 -10.76
C ASP B 253 25.13 -10.43 -11.82
N LEU B 254 23.87 -10.82 -11.66
CA LEU B 254 23.22 -11.71 -12.62
C LEU B 254 22.49 -10.99 -13.74
N VAL B 255 22.31 -9.68 -13.59
CA VAL B 255 21.61 -8.91 -14.61
C VAL B 255 22.56 -8.20 -15.57
N LEU B 256 22.63 -8.72 -16.79
CA LEU B 256 23.48 -8.14 -17.82
C LEU B 256 22.69 -7.07 -18.55
N GLU B 257 23.31 -5.92 -18.76
CA GLU B 257 22.65 -4.82 -19.46
C GLU B 257 23.53 -4.29 -20.57
N VAL B 258 22.89 -3.63 -21.53
CA VAL B 258 23.59 -3.04 -22.67
C VAL B 258 23.34 -1.54 -22.66
N THR B 259 24.40 -0.74 -22.66
CA THR B 259 24.26 0.70 -22.67
C THR B 259 24.07 1.13 -24.13
N MET B 260 23.11 2.02 -24.36
CA MET B 260 22.80 2.45 -25.72
C MET B 260 23.66 3.56 -26.34
N GLU B 261 24.25 3.23 -27.48
CA GLU B 261 25.09 4.13 -28.25
C GLU B 261 24.58 4.10 -29.68
N HIS B 262 24.96 5.11 -30.46
CA HIS B 262 24.61 5.14 -31.86
C HIS B 262 25.95 5.17 -32.58
N PRO B 263 26.10 4.39 -33.66
CA PRO B 263 27.36 4.36 -34.41
C PRO B 263 27.84 5.67 -35.02
N LYS B 264 26.93 6.64 -35.15
CA LYS B 264 27.29 7.92 -35.73
C LYS B 264 26.93 9.14 -34.87
N TYR B 265 25.80 9.06 -34.16
CA TYR B 265 25.36 10.17 -33.31
C TYR B 265 25.99 10.07 -31.92
N GLU B 266 27.02 10.87 -31.67
CA GLU B 266 27.67 10.84 -30.36
C GLU B 266 26.71 11.20 -29.24
N TRP B 267 25.73 12.05 -29.54
CA TRP B 267 24.76 12.48 -28.54
C TRP B 267 23.76 11.40 -28.09
N PHE B 268 23.64 10.33 -28.85
CA PHE B 268 22.68 9.29 -28.46
C PHE B 268 23.02 8.77 -27.07
N GLN B 269 24.31 8.57 -26.82
CA GLN B 269 24.79 8.10 -25.53
C GLN B 269 24.34 9.06 -24.42
N GLU B 270 24.18 10.34 -24.75
CA GLU B 270 23.77 11.35 -23.79
C GLU B 270 22.36 11.12 -23.27
N LEU B 271 21.57 10.33 -24.00
CA LEU B 271 20.20 10.05 -23.57
C LEU B 271 20.20 9.17 -22.32
N GLY B 272 21.35 8.56 -22.02
CA GLY B 272 21.47 7.71 -20.85
C GLY B 272 20.60 6.47 -20.86
N LEU B 273 20.39 5.89 -22.04
CA LEU B 273 19.55 4.70 -22.15
C LEU B 273 20.32 3.39 -22.08
N LYS B 274 19.65 2.36 -21.57
CA LYS B 274 20.21 1.02 -21.48
C LYS B 274 19.03 0.07 -21.40
N TRP B 275 19.31 -1.22 -21.56
CA TRP B 275 18.25 -2.22 -21.46
C TRP B 275 18.87 -3.55 -21.06
N TYR B 276 18.06 -4.46 -20.52
CA TYR B 276 18.57 -5.75 -20.13
C TYR B 276 18.71 -6.68 -21.34
N ALA B 277 19.68 -7.58 -21.27
CA ALA B 277 19.97 -8.51 -22.33
C ALA B 277 19.07 -9.75 -22.37
N LEU B 278 18.44 -10.07 -21.24
CA LEU B 278 17.62 -11.27 -21.15
C LEU B 278 16.09 -11.10 -21.23
N PRO B 279 15.49 -11.58 -22.33
CA PRO B 279 14.03 -11.48 -22.53
C PRO B 279 13.42 -12.78 -22.01
N ALA B 280 12.76 -12.72 -20.85
CA ALA B 280 12.20 -13.93 -20.27
C ALA B 280 10.76 -13.80 -19.79
N VAL B 281 9.87 -14.60 -20.38
CA VAL B 281 8.45 -14.61 -20.03
C VAL B 281 8.34 -15.41 -18.73
N ALA B 282 7.78 -14.79 -17.70
CA ALA B 282 7.69 -15.43 -16.40
C ALA B 282 6.31 -15.89 -15.93
N ASN B 283 5.25 -15.39 -16.54
CA ASN B 283 3.91 -15.71 -16.08
C ASN B 283 2.97 -16.60 -16.90
N MET B 284 3.47 -17.38 -17.84
CA MET B 284 2.57 -18.21 -18.61
C MET B 284 2.41 -19.61 -18.03
N LEU B 285 1.47 -20.37 -18.57
CA LEU B 285 1.20 -21.72 -18.09
C LEU B 285 1.42 -22.74 -19.19
N LEU B 286 2.16 -23.79 -18.88
CA LEU B 286 2.43 -24.84 -19.84
C LEU B 286 1.40 -25.96 -19.65
N GLU B 287 0.68 -26.26 -20.73
CA GLU B 287 -0.32 -27.31 -20.72
C GLU B 287 0.23 -28.48 -21.51
N VAL B 288 0.17 -29.66 -20.92
CA VAL B 288 0.67 -30.85 -21.59
C VAL B 288 -0.09 -32.08 -21.08
N GLY B 289 -0.69 -32.82 -22.02
CA GLY B 289 -1.44 -34.01 -21.65
C GLY B 289 -2.43 -33.81 -20.51
N GLY B 290 -3.09 -32.66 -20.48
CA GLY B 290 -4.05 -32.41 -19.44
C GLY B 290 -3.44 -31.82 -18.18
N LEU B 291 -2.13 -31.94 -18.05
CA LEU B 291 -1.44 -31.39 -16.89
C LEU B 291 -1.23 -29.89 -17.09
N GLU B 292 -1.18 -29.16 -15.99
CA GLU B 292 -0.98 -27.72 -16.04
C GLU B 292 0.17 -27.28 -15.15
N PHE B 293 1.12 -26.55 -15.73
CA PHE B 293 2.27 -26.03 -14.98
C PHE B 293 2.15 -24.50 -14.94
N PRO B 294 1.58 -23.96 -13.85
CA PRO B 294 1.38 -22.52 -13.64
C PRO B 294 2.65 -21.67 -13.53
N ALA B 295 3.78 -22.32 -13.28
CA ALA B 295 5.04 -21.61 -13.16
C ALA B 295 6.08 -22.31 -14.03
N CYS B 296 6.46 -21.64 -15.12
CA CYS B 296 7.42 -22.18 -16.07
C CYS B 296 8.07 -21.05 -16.86
N PRO B 297 8.89 -20.23 -16.19
CA PRO B 297 9.53 -19.12 -16.91
C PRO B 297 10.46 -19.64 -18.02
N PHE B 298 10.46 -18.95 -19.15
CA PHE B 298 11.32 -19.32 -20.27
C PHE B 298 11.89 -18.07 -20.94
N ASN B 299 12.99 -18.26 -21.67
CA ASN B 299 13.62 -17.16 -22.37
C ASN B 299 14.29 -17.60 -23.66
N GLY B 300 14.52 -16.61 -24.52
CA GLY B 300 15.21 -16.80 -25.78
C GLY B 300 16.15 -15.61 -25.79
N TRP B 301 16.34 -15.00 -26.96
CA TRP B 301 17.16 -13.80 -27.07
C TRP B 301 16.28 -12.75 -27.75
N TYR B 302 16.67 -11.49 -27.61
CA TYR B 302 15.90 -10.39 -28.16
C TYR B 302 15.87 -10.22 -29.69
N MET B 303 14.79 -9.61 -30.16
CA MET B 303 14.66 -9.22 -31.56
C MET B 303 14.76 -7.71 -31.34
N GLY B 304 15.62 -7.05 -32.10
CA GLY B 304 15.84 -5.62 -31.96
C GLY B 304 14.67 -4.68 -31.75
N THR B 305 13.62 -4.86 -32.53
CA THR B 305 12.44 -4.03 -32.47
C THR B 305 11.70 -4.06 -31.12
N GLU B 306 11.86 -5.13 -30.37
CA GLU B 306 11.17 -5.22 -29.07
C GLU B 306 11.60 -4.05 -28.19
N ILE B 307 12.90 -3.77 -28.21
CA ILE B 307 13.48 -2.68 -27.41
C ILE B 307 13.43 -1.36 -28.19
N GLY B 308 13.96 -1.38 -29.40
CA GLY B 308 14.00 -0.16 -30.20
C GLY B 308 12.66 0.46 -30.54
N VAL B 309 11.65 -0.36 -30.77
CA VAL B 309 10.35 0.17 -31.13
C VAL B 309 9.32 0.20 -30.01
N ARG B 310 9.11 -0.95 -29.36
CA ARG B 310 8.12 -1.02 -28.29
C ARG B 310 8.57 -0.38 -26.96
N ASP B 311 9.64 -0.89 -26.36
CA ASP B 311 10.11 -0.33 -25.08
C ASP B 311 10.46 1.15 -25.17
N PHE B 312 11.23 1.53 -26.19
CA PHE B 312 11.64 2.91 -26.33
C PHE B 312 10.64 3.85 -27.01
N CYS B 313 9.86 3.37 -27.98
CA CYS B 313 8.96 4.27 -28.68
C CYS B 313 7.47 4.24 -28.37
N ASP B 314 6.98 3.20 -27.69
CA ASP B 314 5.56 3.17 -27.32
C ASP B 314 5.35 4.42 -26.45
N THR B 315 4.27 5.15 -26.68
CA THR B 315 4.00 6.35 -25.91
C THR B 315 3.78 6.08 -24.43
N GLN B 316 3.26 4.89 -24.09
CA GLN B 316 3.01 4.55 -22.70
C GLN B 316 4.19 3.81 -22.06
N ARG B 317 5.34 3.83 -22.73
CA ARG B 317 6.55 3.18 -22.22
C ARG B 317 7.61 4.27 -22.02
N TYR B 318 8.82 4.10 -22.55
CA TYR B 318 9.83 5.15 -22.35
C TYR B 318 9.62 6.38 -23.21
N ASN B 319 8.83 6.24 -24.27
CA ASN B 319 8.47 7.36 -25.13
C ASN B 319 9.58 8.37 -25.48
N ILE B 320 10.66 7.90 -26.09
CA ILE B 320 11.78 8.78 -26.44
C ILE B 320 11.74 9.31 -27.86
N LEU B 321 10.70 8.97 -28.61
CA LEU B 321 10.59 9.38 -30.01
C LEU B 321 10.78 10.87 -30.29
N GLU B 322 9.97 11.72 -29.67
CA GLU B 322 10.10 13.15 -29.91
C GLU B 322 11.51 13.69 -29.58
N GLU B 323 12.07 13.24 -28.47
CA GLU B 323 13.41 13.70 -28.07
C GLU B 323 14.43 13.34 -29.13
N VAL B 324 14.38 12.09 -29.62
CA VAL B 324 15.33 11.66 -30.64
C VAL B 324 15.12 12.47 -31.92
N GLY B 325 13.87 12.71 -32.26
CA GLY B 325 13.57 13.49 -33.45
C GLY B 325 14.15 14.89 -33.38
N ARG B 326 13.99 15.55 -32.23
CA ARG B 326 14.52 16.89 -32.05
C ARG B 326 16.04 16.94 -32.13
N ARG B 327 16.70 15.94 -31.55
CA ARG B 327 18.16 15.91 -31.60
C ARG B 327 18.67 15.64 -33.00
N MET B 328 17.83 15.02 -33.83
CA MET B 328 18.21 14.75 -35.21
C MET B 328 17.90 15.98 -36.07
N GLY B 329 17.27 16.98 -35.44
CA GLY B 329 16.94 18.21 -36.14
C GLY B 329 15.84 18.05 -37.18
N LEU B 330 14.85 17.21 -36.89
CA LEU B 330 13.76 16.95 -37.82
C LEU B 330 12.56 17.85 -37.54
N GLU B 331 11.62 17.89 -38.48
CA GLU B 331 10.42 18.71 -38.33
C GLU B 331 9.40 17.94 -37.48
N THR B 332 9.69 17.83 -36.20
CA THR B 332 8.83 17.10 -35.26
C THR B 332 7.44 17.67 -35.09
N HIS B 333 7.14 18.79 -35.73
CA HIS B 333 5.82 19.40 -35.62
C HIS B 333 4.98 19.18 -36.88
N THR B 334 5.53 18.41 -37.82
CA THR B 334 4.84 18.10 -39.06
C THR B 334 4.87 16.59 -39.32
N LEU B 335 3.76 15.91 -39.05
CA LEU B 335 3.67 14.47 -39.26
C LEU B 335 4.09 14.05 -40.65
N ALA B 336 3.53 14.74 -41.65
CA ALA B 336 3.80 14.45 -43.05
C ALA B 336 5.27 14.39 -43.41
N SER B 337 6.12 14.98 -42.57
CA SER B 337 7.54 14.98 -42.84
C SER B 337 8.14 13.59 -42.63
N LEU B 338 7.37 12.72 -41.96
CA LEU B 338 7.81 11.35 -41.67
C LEU B 338 9.01 11.33 -40.71
N TRP B 339 9.11 12.35 -39.87
CA TRP B 339 10.21 12.41 -38.92
C TRP B 339 10.19 11.21 -37.97
N LYS B 340 9.00 10.73 -37.65
CA LYS B 340 8.89 9.57 -36.75
C LYS B 340 9.52 8.32 -37.39
N ASP B 341 9.33 8.13 -38.69
CA ASP B 341 9.90 6.98 -39.38
C ASP B 341 11.44 7.08 -39.35
N ARG B 342 11.97 8.28 -39.54
CA ARG B 342 13.41 8.46 -39.51
C ARG B 342 13.97 8.23 -38.10
N ALA B 343 13.28 8.77 -37.10
CA ALA B 343 13.74 8.61 -35.71
C ALA B 343 13.73 7.17 -35.23
N VAL B 344 12.62 6.46 -35.41
CA VAL B 344 12.54 5.08 -34.95
C VAL B 344 13.63 4.21 -35.56
N THR B 345 13.93 4.43 -36.84
CA THR B 345 14.97 3.63 -37.48
C THR B 345 16.36 3.85 -36.87
N GLU B 346 16.68 5.09 -36.50
CA GLU B 346 17.99 5.33 -35.90
C GLU B 346 18.06 4.71 -34.51
N ILE B 347 16.92 4.63 -33.83
CA ILE B 347 16.87 4.03 -32.50
C ILE B 347 17.10 2.52 -32.64
N ASN B 348 16.47 1.91 -33.65
CA ASN B 348 16.66 0.47 -33.89
C ASN B 348 18.14 0.21 -34.22
N VAL B 349 18.75 1.13 -34.96
CA VAL B 349 20.16 0.98 -35.32
C VAL B 349 21.01 1.03 -34.05
N ALA B 350 20.69 1.97 -33.17
CA ALA B 350 21.43 2.11 -31.91
C ALA B 350 21.35 0.82 -31.11
N VAL B 351 20.15 0.25 -30.99
CA VAL B 351 19.95 -0.99 -30.24
C VAL B 351 20.78 -2.14 -30.80
N LEU B 352 20.69 -2.37 -32.10
CA LEU B 352 21.47 -3.45 -32.71
C LEU B 352 22.96 -3.20 -32.57
N HIS B 353 23.39 -1.97 -32.84
CA HIS B 353 24.80 -1.62 -32.74
C HIS B 353 25.35 -1.85 -31.34
N SER B 354 24.60 -1.42 -30.33
CA SER B 354 25.03 -1.56 -28.94
C SER B 354 25.14 -3.02 -28.48
N PHE B 355 24.15 -3.84 -28.81
CA PHE B 355 24.18 -5.25 -28.43
C PHE B 355 25.37 -5.90 -29.15
N GLN B 356 25.53 -5.58 -30.42
CA GLN B 356 26.63 -6.15 -31.21
C GLN B 356 28.00 -5.76 -30.65
N LYS B 357 28.18 -4.48 -30.38
CA LYS B 357 29.45 -3.98 -29.85
C LYS B 357 29.79 -4.59 -28.49
N GLN B 358 28.77 -4.84 -27.68
CA GLN B 358 28.99 -5.42 -26.36
C GLN B 358 28.90 -6.93 -26.34
N ASN B 359 28.91 -7.52 -27.53
CA ASN B 359 28.86 -8.97 -27.71
C ASN B 359 27.69 -9.68 -27.04
N VAL B 360 26.50 -9.10 -27.15
CA VAL B 360 25.30 -9.68 -26.59
C VAL B 360 24.38 -10.10 -27.74
N THR B 361 23.95 -11.36 -27.72
CA THR B 361 23.09 -11.89 -28.77
C THR B 361 21.83 -11.08 -29.00
N ILE B 362 21.52 -10.84 -30.27
CA ILE B 362 20.31 -10.12 -30.66
C ILE B 362 20.12 -10.35 -32.17
N MET B 363 18.88 -10.32 -32.63
CA MET B 363 18.62 -10.50 -34.07
C MET B 363 17.71 -9.39 -34.58
N ASP B 364 18.05 -8.82 -35.74
CA ASP B 364 17.24 -7.76 -36.31
C ASP B 364 15.95 -8.40 -36.84
N HIS B 365 14.92 -7.60 -37.05
CA HIS B 365 13.63 -8.11 -37.51
C HIS B 365 13.55 -8.65 -38.94
N HIS B 366 14.47 -8.21 -39.80
CA HIS B 366 14.47 -8.68 -41.18
C HIS B 366 14.97 -10.13 -41.19
N THR B 367 16.12 -10.34 -40.56
CA THR B 367 16.69 -11.68 -40.47
C THR B 367 15.72 -12.60 -39.74
N ALA B 368 15.11 -12.10 -38.67
CA ALA B 368 14.14 -12.91 -37.91
C ALA B 368 12.98 -13.33 -38.82
N SER B 369 12.46 -12.40 -39.60
CA SER B 369 11.35 -12.71 -40.49
C SER B 369 11.72 -13.79 -41.50
N GLU B 370 12.89 -13.67 -42.13
CA GLU B 370 13.32 -14.66 -43.11
C GLU B 370 13.50 -16.00 -42.39
N SER B 371 13.99 -15.94 -41.16
CA SER B 371 14.18 -17.12 -40.35
C SER B 371 12.86 -17.85 -40.16
N PHE B 372 11.81 -17.10 -39.79
CA PHE B 372 10.51 -17.72 -39.58
C PHE B 372 9.89 -18.29 -40.86
N MET B 373 10.11 -17.62 -41.98
CA MET B 373 9.58 -18.11 -43.25
C MET B 373 10.16 -19.48 -43.54
N LYS B 374 11.46 -19.61 -43.31
CA LYS B 374 12.16 -20.87 -43.53
C LYS B 374 11.55 -21.94 -42.61
N HIS B 375 11.31 -21.56 -41.36
CA HIS B 375 10.73 -22.47 -40.39
C HIS B 375 9.33 -22.92 -40.78
N MET B 376 8.50 -21.96 -41.18
CA MET B 376 7.13 -22.26 -41.57
C MET B 376 7.09 -23.29 -42.70
N GLN B 377 7.99 -23.14 -43.65
CA GLN B 377 8.07 -24.03 -44.78
C GLN B 377 8.62 -25.40 -44.39
N ASN B 378 9.45 -25.44 -43.36
CA ASN B 378 9.96 -26.72 -42.86
C ASN B 378 8.80 -27.42 -42.18
N GLU B 379 7.98 -26.64 -41.47
CA GLU B 379 6.83 -27.18 -40.74
C GLU B 379 5.74 -27.77 -41.64
N TYR B 380 5.42 -27.10 -42.74
CA TYR B 380 4.40 -27.65 -43.63
C TYR B 380 4.88 -28.97 -44.21
N ARG B 381 6.17 -29.07 -44.50
CA ARG B 381 6.76 -30.29 -45.03
C ARG B 381 6.74 -31.38 -43.96
N ALA B 382 7.17 -31.02 -42.75
CA ALA B 382 7.24 -31.96 -41.63
C ALA B 382 5.90 -32.46 -41.10
N ARG B 383 4.96 -31.54 -40.85
CA ARG B 383 3.66 -31.99 -40.34
C ARG B 383 2.42 -31.31 -40.93
N GLY B 384 2.59 -30.72 -42.11
CA GLY B 384 1.47 -30.07 -42.79
C GLY B 384 0.80 -28.88 -42.15
N GLY B 385 1.58 -28.00 -41.55
CA GLY B 385 1.00 -26.83 -40.91
C GLY B 385 1.89 -26.18 -39.87
N CYS B 386 1.56 -24.93 -39.56
CA CYS B 386 2.30 -24.15 -38.56
C CYS B 386 1.37 -23.08 -38.01
N PRO B 387 0.83 -23.29 -36.80
CA PRO B 387 -0.08 -22.28 -36.24
C PRO B 387 0.68 -20.97 -36.14
N ALA B 388 0.11 -19.91 -36.71
CA ALA B 388 0.78 -18.62 -36.71
C ALA B 388 -0.20 -17.46 -36.60
N ASP B 389 0.13 -16.51 -35.71
CA ASP B 389 -0.68 -15.32 -35.51
C ASP B 389 0.00 -14.17 -36.24
N TRP B 390 -0.48 -13.89 -37.45
CA TRP B 390 0.04 -12.83 -38.31
C TRP B 390 0.23 -11.50 -37.59
N ILE B 391 -0.76 -11.12 -36.79
CA ILE B 391 -0.73 -9.85 -36.08
C ILE B 391 0.48 -9.68 -35.14
N TRP B 392 0.96 -10.79 -34.58
CA TRP B 392 2.13 -10.74 -33.70
C TRP B 392 3.44 -11.03 -34.42
N LEU B 393 3.37 -11.80 -35.50
CA LEU B 393 4.57 -12.17 -36.24
C LEU B 393 5.12 -11.06 -37.14
N VAL B 394 4.27 -10.17 -37.64
CA VAL B 394 4.76 -9.08 -38.46
C VAL B 394 5.37 -8.04 -37.50
N PRO B 395 6.66 -7.68 -37.70
CA PRO B 395 7.36 -6.71 -36.85
C PRO B 395 6.66 -5.35 -36.74
N PRO B 396 6.83 -4.64 -35.60
CA PRO B 396 6.20 -3.34 -35.38
C PRO B 396 6.63 -2.20 -36.31
N VAL B 397 7.61 -2.45 -37.18
CA VAL B 397 8.02 -1.45 -38.17
C VAL B 397 8.37 -2.21 -39.44
N SER B 398 8.33 -1.50 -40.56
CA SER B 398 8.68 -2.06 -41.86
C SER B 398 7.92 -3.32 -42.25
N GLY B 399 6.65 -3.39 -41.85
CA GLY B 399 5.82 -4.53 -42.13
C GLY B 399 5.94 -5.23 -43.48
N SER B 400 5.52 -4.58 -44.57
CA SER B 400 5.56 -5.22 -45.88
C SER B 400 6.96 -5.41 -46.47
N ILE B 401 7.97 -4.87 -45.80
CA ILE B 401 9.34 -5.04 -46.26
C ILE B 401 9.81 -6.42 -45.83
N THR B 402 9.12 -7.01 -44.86
CA THR B 402 9.47 -8.34 -44.36
C THR B 402 8.61 -9.35 -45.12
N PRO B 403 9.13 -10.56 -45.35
CA PRO B 403 8.37 -11.59 -46.07
C PRO B 403 7.10 -12.10 -45.36
N VAL B 404 7.11 -12.11 -44.03
CA VAL B 404 5.95 -12.60 -43.28
C VAL B 404 4.66 -11.84 -43.57
N PHE B 405 4.79 -10.53 -43.81
CA PHE B 405 3.64 -9.68 -44.10
C PHE B 405 2.81 -10.23 -45.28
N HIS B 406 3.50 -10.73 -46.30
CA HIS B 406 2.84 -11.23 -47.50
C HIS B 406 2.39 -12.70 -47.43
N GLN B 407 2.60 -13.33 -46.28
CA GLN B 407 2.26 -14.74 -46.08
C GLN B 407 0.93 -14.96 -45.35
N GLU B 408 -0.01 -15.65 -46.00
CA GLU B 408 -1.28 -15.94 -45.34
C GLU B 408 -0.94 -16.99 -44.30
N MET B 409 -1.59 -16.90 -43.14
CA MET B 409 -1.34 -17.82 -42.04
C MET B 409 -2.64 -18.26 -41.39
N LEU B 410 -2.56 -19.41 -40.72
CA LEU B 410 -3.68 -19.98 -40.01
C LEU B 410 -3.32 -20.05 -38.55
N ASN B 411 -4.17 -19.48 -37.70
CA ASN B 411 -3.94 -19.45 -36.27
C ASN B 411 -4.87 -20.40 -35.52
N TYR B 412 -4.29 -21.34 -34.80
CA TYR B 412 -5.05 -22.30 -34.01
C TYR B 412 -4.25 -22.78 -32.80
N VAL B 413 -4.95 -23.36 -31.83
CA VAL B 413 -4.32 -23.83 -30.60
C VAL B 413 -4.16 -25.35 -30.54
N LEU B 414 -2.90 -25.80 -30.51
CA LEU B 414 -2.59 -27.22 -30.42
C LEU B 414 -2.23 -27.54 -28.97
N SER B 415 -1.59 -28.68 -28.75
CA SER B 415 -1.18 -29.10 -27.42
C SER B 415 0.01 -30.03 -27.60
N PRO B 416 1.07 -29.88 -26.78
CA PRO B 416 1.29 -28.94 -25.66
C PRO B 416 1.18 -27.48 -26.11
N PHE B 417 0.97 -26.58 -25.14
CA PHE B 417 0.78 -25.17 -25.47
C PHE B 417 1.08 -24.26 -24.27
N TYR B 418 1.49 -23.02 -24.55
CA TYR B 418 1.77 -22.03 -23.50
C TYR B 418 0.59 -21.05 -23.48
N TYR B 419 -0.14 -21.03 -22.37
CA TYR B 419 -1.29 -20.16 -22.20
C TYR B 419 -1.04 -18.97 -21.28
N TYR B 420 -1.89 -17.96 -21.39
CA TYR B 420 -1.80 -16.81 -20.51
C TYR B 420 -2.57 -17.27 -19.27
N GLN B 421 -2.48 -16.51 -18.19
CA GLN B 421 -3.22 -16.84 -16.97
C GLN B 421 -3.90 -15.57 -16.49
N ILE B 422 -4.82 -15.71 -15.55
CA ILE B 422 -5.49 -14.56 -14.98
C ILE B 422 -4.45 -13.96 -14.03
N GLU B 423 -4.34 -12.64 -13.99
CA GLU B 423 -3.38 -12.01 -13.09
C GLU B 423 -3.58 -12.60 -11.69
N PRO B 424 -2.51 -13.14 -11.09
CA PRO B 424 -2.57 -13.75 -9.76
C PRO B 424 -3.14 -12.89 -8.64
N TRP B 425 -2.90 -11.59 -8.69
CA TRP B 425 -3.39 -10.69 -7.65
C TRP B 425 -4.90 -10.50 -7.71
N LYS B 426 -5.53 -11.01 -8.77
CA LYS B 426 -6.96 -10.89 -8.93
C LYS B 426 -7.72 -12.10 -8.38
N THR B 427 -7.00 -13.18 -8.11
CA THR B 427 -7.64 -14.40 -7.62
C THR B 427 -7.01 -14.97 -6.35
N HIS B 428 -5.88 -14.41 -5.95
CA HIS B 428 -5.19 -14.90 -4.76
C HIS B 428 -5.87 -14.51 -3.44
N ILE B 429 -6.18 -15.51 -2.63
CA ILE B 429 -6.80 -15.25 -1.33
C ILE B 429 -5.65 -15.21 -0.32
N TRP B 430 -5.37 -14.02 0.20
CA TRP B 430 -4.28 -13.84 1.15
C TRP B 430 -4.50 -14.48 2.51
N GLN B 431 -3.43 -15.02 3.09
CA GLN B 431 -3.50 -15.62 4.42
C GLN B 431 -3.73 -14.48 5.39
N ASN B 432 -4.95 -14.42 5.94
CA ASN B 432 -5.36 -13.35 6.84
C ASN B 432 -4.59 -13.19 8.15
ZN ZN C . 3.63 5.35 41.04
CHA HEM D . -4.25 17.27 27.52
CHB HEM D . -4.50 22.17 27.48
CHC HEM D . -9.33 21.84 27.03
CHD HEM D . -9.09 17.03 27.72
C1A HEM D . -3.89 18.62 27.41
C2A HEM D . -2.55 19.13 27.17
C3A HEM D . -2.64 20.49 27.20
C4A HEM D . -4.01 20.84 27.43
CMA HEM D . -1.48 21.45 27.02
CAA HEM D . -1.30 18.34 26.82
CBA HEM D . -1.40 17.65 25.47
CGA HEM D . -0.15 16.86 25.10
O1A HEM D . -0.24 15.99 24.21
O2A HEM D . 0.92 17.12 25.69
C1B HEM D . -5.87 22.53 27.55
C2B HEM D . -6.33 23.89 27.29
C3B HEM D . -7.69 23.83 27.13
C4B HEM D . -8.06 22.41 27.28
CMB HEM D . -5.45 25.13 27.15
CAB HEM D . -8.49 24.93 26.78
CBB HEM D . -9.79 25.17 27.16
C1C HEM D . -9.68 20.48 27.06
C2C HEM D . -11.01 19.96 26.83
C3C HEM D . -10.97 18.60 27.12
C4C HEM D . -9.59 18.32 27.47
CMC HEM D . -12.21 20.80 26.36
CAC HEM D . -12.00 17.64 27.08
CBC HEM D . -13.38 17.86 27.11
C1D HEM D . -7.74 16.67 27.85
C2D HEM D . -7.25 15.33 27.97
C3D HEM D . -5.92 15.37 27.84
C4D HEM D . -5.55 16.78 27.69
CMD HEM D . -8.11 14.08 28.23
CAD HEM D . -4.95 14.20 27.77
CBD HEM D . -4.61 13.88 26.31
CGD HEM D . -3.63 12.73 26.19
O1D HEM D . -3.05 12.55 25.10
O2D HEM D . -3.44 12.00 27.19
NA HEM D . -4.78 19.69 27.53
NB HEM D . -6.92 21.65 27.56
NC HEM D . -8.81 19.47 27.42
ND HEM D . -6.68 17.55 27.71
FE HEM D . -6.79 19.60 27.81
N1 H4B E . 3.82 16.08 29.04
C2 H4B E . 2.90 16.44 28.13
N2 H4B E . 2.07 17.43 28.41
N3 H4B E . 2.81 15.80 26.93
C4 H4B E . 3.64 14.76 26.62
O4 H4B E . 3.57 14.15 25.53
C4A H4B E . 4.63 14.35 27.55
C8A H4B E . 4.69 15.07 28.80
N5 H4B E . 5.45 13.29 27.32
N8 H4B E . 5.64 14.75 29.73
C6 H4B E . 6.23 12.73 28.46
C7 H4B E . 6.62 13.74 29.46
C9 H4B E . 7.19 11.59 28.05
O9 H4B E . 8.34 12.16 27.44
C10 H4B E . 7.61 10.75 29.29
C11 H4B E . 8.57 9.61 28.91
O10 H4B E . 6.45 10.18 29.91
C1 AT2 F . -8.16 19.23 23.92
C2 AT2 F . -6.81 19.92 23.78
C3 AT2 F . -6.65 21.23 24.26
C4 AT2 F . -5.38 21.87 24.14
C6 AT2 F . -4.47 19.89 23.05
C7 AT2 F . -5.75 19.24 23.19
C9 AT2 F . -3.41 17.93 21.87
C10 AT2 F . -4.12 18.03 20.48
C11 AT2 F . -3.33 18.89 19.46
N5 AT2 F . -4.30 21.21 23.54
N8 AT2 F . -3.39 19.27 22.46
N12 AT2 F . -1.98 18.33 19.32
C13 AT2 F . -1.23 18.32 20.61
C14 AT2 F . -1.97 17.47 21.63
C15 AT2 F . -1.46 17.87 18.18
O16 AT2 F . -2.16 17.91 17.10
O17 AT2 F . -0.23 17.39 18.28
C18 AT2 F . 0.36 16.87 17.11
C19 AT2 F . 1.73 16.37 17.56
C1 EDO G . -1.25 18.40 58.92
O1 EDO G . -1.51 17.84 57.62
C2 EDO G . -0.81 19.86 58.75
O2 EDO G . -1.88 20.55 58.10
C1 EDO H . 6.18 19.45 57.25
O1 EDO H . 5.42 18.99 56.13
C2 EDO H . 6.63 20.89 56.95
O2 EDO H . 5.45 21.67 56.77
ZN ZN I . -10.85 -14.93 -36.68
CHA HEM J . 6.80 -14.25 -28.27
CHB HEM J . 11.24 -13.92 -30.34
CHC HEM J . 12.53 -18.00 -28.08
CHD HEM J . 7.92 -18.64 -26.55
C1A HEM J . 7.94 -13.74 -28.91
C2A HEM J . 8.05 -12.42 -29.45
C3A HEM J . 9.26 -12.36 -30.05
C4A HEM J . 9.93 -13.61 -29.88
CMA HEM J . 9.82 -11.13 -30.75
CAA HEM J . 7.05 -11.26 -29.30
CBA HEM J . 7.14 -10.70 -27.88
CGA HEM J . 6.12 -9.61 -27.60
O1A HEM J . 5.68 -9.48 -26.42
O2A HEM J . 5.74 -8.87 -28.54
C1B HEM J . 11.96 -15.10 -30.06
C2B HEM J . 13.39 -15.27 -30.30
C3B HEM J . 13.78 -16.40 -29.66
C4B HEM J . 12.58 -16.94 -28.99
CMB HEM J . 14.29 -14.29 -31.06
CAB HEM J . 15.12 -16.86 -29.62
CBB HEM J . 15.58 -18.14 -29.43
C1C HEM J . 11.42 -18.48 -27.34
C2C HEM J . 11.44 -19.60 -26.43
C3C HEM J . 10.11 -19.85 -26.07
C4C HEM J . 9.31 -18.83 -26.73
CMC HEM J . 12.73 -20.29 -25.95
CAC HEM J . 9.57 -20.85 -25.23
CBC HEM J . 10.18 -22.01 -24.80
C1D HEM J . 7.17 -17.56 -26.99
C2D HEM J . 5.78 -17.30 -26.65
C3D HEM J . 5.50 -16.07 -27.07
C4D HEM J . 6.68 -15.54 -27.72
CMD HEM J . 4.77 -18.25 -25.98
CAD HEM J . 4.19 -15.34 -26.79
CBD HEM J . 4.40 -14.34 -25.66
CGD HEM J . 3.13 -13.60 -25.31
O1D HEM J . 3.19 -12.64 -24.52
O2D HEM J . 2.06 -13.96 -25.82
NA HEM J . 9.12 -14.46 -29.15
NB HEM J . 11.47 -16.14 -29.28
NC HEM J . 10.12 -17.99 -27.47
ND HEM J . 7.69 -16.48 -27.68
FE HEM J . 9.54 -16.40 -28.63
N1 H4B K . 2.68 -8.01 -31.99
C2 H4B K . 3.62 -8.39 -31.10
N2 H4B K . 4.65 -9.14 -31.49
N3 H4B K . 3.55 -8.03 -29.79
C4 H4B K . 2.50 -7.28 -29.33
O4 H4B K . 2.40 -6.96 -28.14
C4A H4B K . 1.47 -6.84 -30.24
C8A H4B K . 1.62 -7.26 -31.61
N5 H4B K . 0.36 -6.14 -29.82
N8 H4B K . 0.71 -6.85 -32.54
C6 H4B K . -0.79 -6.02 -30.78
C7 H4B K . -0.37 -5.99 -32.21
C9 H4B K . -1.96 -5.12 -30.25
O9 H4B K . -1.61 -3.77 -30.42
C10 H4B K . -3.30 -5.40 -31.04
C11 H4B K . -4.44 -4.53 -30.54
O10 H4B K . -3.68 -6.79 -30.89
C1 AT2 L . 10.94 -15.90 -24.72
C2 AT2 L . 11.19 -14.59 -25.42
C3 AT2 L . 12.11 -14.53 -26.47
C4 AT2 L . 12.35 -13.28 -27.14
C6 AT2 L . 10.74 -12.19 -25.69
C7 AT2 L . 10.51 -13.45 -25.02
C9 AT2 L . 9.14 -10.93 -24.21
C10 AT2 L . 9.95 -10.89 -22.87
C11 AT2 L . 10.83 -9.63 -22.75
N5 AT2 L . 11.66 -12.13 -26.75
N8 AT2 L . 10.09 -11.03 -25.31
N12 AT2 L . 9.97 -8.44 -22.88
C13 AT2 L . 9.24 -8.39 -24.19
C14 AT2 L . 8.36 -9.62 -24.32
C15 AT2 L . 9.84 -7.50 -21.93
O16 AT2 L . 10.49 -7.60 -20.84
O17 AT2 L . 9.00 -6.53 -22.24
C18 AT2 L . 8.80 -5.50 -21.28
C19 AT2 L . 7.76 -4.58 -21.90
#